data_3NZQ
#
_entry.id   3NZQ
#
_cell.length_a   192.522
_cell.length_b   192.522
_cell.length_c   119.895
_cell.angle_alpha   90.000
_cell.angle_beta   90.000
_cell.angle_gamma   90.000
#
_symmetry.space_group_name_H-M   'P 41 21 2'
#
loop_
_entity.id
_entity.type
_entity.pdbx_description
1 polymer 'Biosynthetic arginine decarboxylase'
2 non-polymer 'SULFATE ION'
3 water water
#
_entity_poly.entity_id   1
_entity_poly.type   'polypeptide(L)'
_entity_poly.pdbx_seq_one_letter_code
;MSDDMSMGLPSSAGEHGVLRSMQEVAMSSQEASKMLRTYNIAWWGNNYYDVNELGHISVCPDPDVPEARVDLAQLVKTRE
AQGQRLPALFCFPQILQHRLRSINAAFKRARESYGYNGDYFLVYPIKVNQHRRVIESLIHSGEPLGLEAGSKAELMAVLA
HAGMTRSVIVCNGYKDREYIRLALIGEKMGHKVYLVIEKMSEIAIVLDEAERLNVVPRLGVRARLASQGSGKWQSSGGEK
SKFGLAATQVLQLVETLREAGRLDSLQLLHFHLGSQMANIRDIATGVRESARFYVELHKLGVNIQCFDVGGGLGVDYEGT
RSQSDCSVNYGLNEYANNIIWAIGDACEENGLPHPTVITESGRAVTAHHTVLVSNIIGVERNEYTVPTAPAEDAPRALQS
MWETWQEMHEPGTRRSLREWLHDSQMDLHDIHIGYSSGIFSLQERAWAEQLYLSMCHEVQKQLDPQNRAHRPIIDELQER
MADKMYVNFSLFQSMPDAWGIDQLFPVLPLEGLDQVPERRAVLLDITCDSDGAIDHYIDGDGIATTMPMPEYDPENPPML
GFFMVGAYQEILGNMHNLFGDTEAVDVFVFPDGSVEVELSDEGDTVADMLQYVQLDPKTLLTQFRDQVKKTDLDAELQQQ
FLEEFEAGLYGYTYLEDELEHHHHHH
;
_entity_poly.pdbx_strand_id   A,B
#
# COMPACT_ATOMS: atom_id res chain seq x y z
N LYS A 34 14.94 -25.63 21.99
CA LYS A 34 14.08 -25.03 20.92
C LYS A 34 14.26 -23.50 20.85
N MET A 35 14.93 -22.91 21.85
CA MET A 35 15.17 -21.45 21.90
C MET A 35 16.31 -20.96 21.00
N LEU A 36 17.25 -21.87 20.71
CA LEU A 36 18.37 -21.54 19.83
C LEU A 36 17.88 -21.65 18.38
N ARG A 37 16.73 -22.31 18.21
CA ARG A 37 16.10 -22.51 16.91
C ARG A 37 15.14 -21.36 16.61
N THR A 38 14.53 -20.82 17.67
CA THR A 38 13.57 -19.72 17.52
C THR A 38 14.26 -18.38 17.40
N TYR A 39 15.57 -18.39 17.63
CA TYR A 39 16.39 -17.18 17.55
C TYR A 39 17.17 -17.16 16.25
N ASN A 40 17.07 -18.25 15.50
CA ASN A 40 17.73 -18.37 14.21
C ASN A 40 19.24 -18.17 14.28
N ILE A 41 19.82 -18.34 15.46
CA ILE A 41 21.25 -18.14 15.59
C ILE A 41 22.02 -18.84 14.49
N ALA A 42 21.63 -20.08 14.21
CA ALA A 42 22.30 -20.85 13.18
C ALA A 42 22.33 -20.16 11.83
N TRP A 43 21.28 -19.40 11.52
CA TRP A 43 21.18 -18.72 10.22
C TRP A 43 21.91 -17.38 10.08
N TRP A 44 21.67 -16.43 10.99
CA TRP A 44 22.37 -15.15 10.88
C TRP A 44 23.72 -15.23 11.58
N GLY A 45 24.00 -16.36 12.22
CA GLY A 45 25.26 -16.52 12.94
C GLY A 45 26.47 -16.80 12.07
N ASN A 46 26.23 -17.22 10.83
CA ASN A 46 27.31 -17.52 9.90
C ASN A 46 28.50 -18.26 10.52
N ASN A 47 28.22 -19.14 11.48
CA ASN A 47 29.24 -19.95 12.14
C ASN A 47 30.17 -19.18 13.06
N TYR A 48 29.91 -17.89 13.23
CA TYR A 48 30.73 -17.11 14.13
C TYR A 48 30.10 -17.26 15.51
N TYR A 49 28.78 -17.13 15.58
CA TYR A 49 28.11 -17.28 16.86
C TYR A 49 27.24 -18.55 16.92
N ASP A 50 27.22 -19.15 18.11
CA ASP A 50 26.47 -20.39 18.31
C ASP A 50 26.38 -20.74 19.82
N VAL A 51 25.33 -21.49 20.21
CA VAL A 51 25.15 -21.88 21.60
C VAL A 51 25.93 -23.16 21.88
N ASN A 52 26.91 -23.06 22.77
CA ASN A 52 27.73 -24.22 23.10
C ASN A 52 26.94 -25.31 23.82
N GLU A 53 27.64 -26.40 24.04
CA GLU A 53 27.12 -27.59 24.72
C GLU A 53 26.96 -27.30 26.23
N LEU A 54 26.49 -26.10 26.54
CA LEU A 54 26.33 -25.71 27.95
C LEU A 54 25.24 -24.65 28.11
N GLY A 55 24.50 -24.41 27.03
CA GLY A 55 23.43 -23.43 27.06
C GLY A 55 23.89 -22.00 26.80
N HIS A 56 25.17 -21.72 27.06
CA HIS A 56 25.76 -20.41 26.84
C HIS A 56 26.06 -20.17 25.37
N ILE A 57 26.10 -18.91 24.98
CA ILE A 57 26.39 -18.55 23.60
C ILE A 57 27.90 -18.38 23.45
N SER A 58 28.50 -19.20 22.59
CA SER A 58 29.94 -19.12 22.35
C SER A 58 30.21 -18.50 20.97
N VAL A 59 31.40 -17.94 20.82
CA VAL A 59 31.80 -17.31 19.57
C VAL A 59 33.13 -17.88 19.04
N CYS A 60 33.13 -18.16 17.74
CA CYS A 60 34.28 -18.71 17.02
C CYS A 60 34.67 -17.66 15.98
N PRO A 61 35.47 -16.66 16.38
CA PRO A 61 35.94 -15.57 15.51
C PRO A 61 36.51 -16.03 14.18
N ASP A 62 37.04 -17.23 14.15
CA ASP A 62 37.60 -17.73 12.91
C ASP A 62 37.14 -19.14 12.71
N PRO A 63 36.07 -19.32 11.93
CA PRO A 63 35.51 -20.64 11.65
C PRO A 63 36.39 -21.58 10.81
N ASP A 64 37.60 -21.13 10.47
CA ASP A 64 38.54 -21.97 9.70
C ASP A 64 39.13 -22.97 10.71
N VAL A 65 39.04 -22.60 11.99
CA VAL A 65 39.52 -23.41 13.10
C VAL A 65 38.36 -23.55 14.09
N PRO A 66 37.35 -24.36 13.74
CA PRO A 66 36.15 -24.60 14.54
C PRO A 66 36.33 -24.99 16.01
N GLU A 67 37.55 -25.33 16.40
CA GLU A 67 37.84 -25.73 17.77
C GLU A 67 38.26 -24.52 18.61
N ALA A 68 38.38 -23.36 17.95
CA ALA A 68 38.76 -22.14 18.64
C ALA A 68 37.52 -21.32 18.96
N ARG A 69 36.79 -21.73 20.00
CA ARG A 69 35.57 -21.04 20.40
C ARG A 69 35.79 -20.37 21.76
N VAL A 70 34.82 -19.55 22.17
CA VAL A 70 34.87 -18.85 23.45
C VAL A 70 33.47 -18.70 24.04
N ASP A 71 33.35 -19.08 25.31
CA ASP A 71 32.08 -18.97 26.01
C ASP A 71 31.90 -17.47 26.24
N LEU A 72 31.05 -16.84 25.44
CA LEU A 72 30.85 -15.38 25.57
C LEU A 72 30.32 -14.99 26.95
N ALA A 73 29.39 -15.80 27.47
CA ALA A 73 28.81 -15.54 28.80
C ALA A 73 29.88 -15.65 29.89
N GLN A 74 30.72 -16.67 29.79
CA GLN A 74 31.78 -16.85 30.77
C GLN A 74 32.77 -15.70 30.73
N LEU A 75 33.16 -15.31 29.51
CA LEU A 75 34.10 -14.21 29.33
C LEU A 75 33.57 -12.92 29.94
N VAL A 76 32.28 -12.68 29.78
CA VAL A 76 31.66 -11.47 30.32
C VAL A 76 31.76 -11.53 31.85
N LYS A 77 31.23 -12.61 32.46
CA LYS A 77 31.26 -12.76 33.92
C LYS A 77 32.69 -12.60 34.45
N THR A 78 33.63 -13.25 33.77
CA THR A 78 35.04 -13.15 34.14
C THR A 78 35.45 -11.68 34.23
N ARG A 79 35.36 -10.95 33.11
CA ARG A 79 35.75 -9.55 33.06
C ARG A 79 34.89 -8.71 33.98
N GLU A 80 33.64 -9.13 34.14
CA GLU A 80 32.68 -8.44 35.00
C GLU A 80 33.26 -8.36 36.42
N ALA A 81 33.42 -9.52 37.06
CA ALA A 81 33.95 -9.58 38.42
C ALA A 81 35.40 -9.08 38.53
N GLN A 82 36.05 -8.87 37.39
CA GLN A 82 37.43 -8.41 37.37
C GLN A 82 37.49 -6.88 37.31
N GLY A 83 36.32 -6.26 37.25
CA GLY A 83 36.21 -4.80 37.20
C GLY A 83 35.90 -4.14 35.86
N GLN A 84 35.27 -4.88 34.93
CA GLN A 84 34.92 -4.34 33.62
C GLN A 84 33.71 -3.43 33.69
N ARG A 85 33.69 -2.38 32.87
CA ARG A 85 32.57 -1.42 32.86
C ARG A 85 31.29 -2.06 32.31
N LEU A 86 30.16 -1.63 32.86
CA LEU A 86 28.85 -2.17 32.51
C LEU A 86 28.57 -2.30 31.00
N PRO A 87 27.88 -1.31 30.34
CA PRO A 87 27.65 -1.50 28.90
C PRO A 87 28.96 -1.51 28.11
N ALA A 88 29.28 -2.69 27.58
CA ALA A 88 30.51 -2.89 26.83
C ALA A 88 30.30 -3.40 25.41
N LEU A 89 31.24 -3.03 24.56
CA LEU A 89 31.21 -3.41 23.17
C LEU A 89 32.35 -4.39 22.86
N PHE A 90 32.03 -5.68 22.74
CA PHE A 90 33.04 -6.72 22.43
C PHE A 90 33.19 -6.91 20.94
N CYS A 91 34.39 -6.67 20.44
CA CYS A 91 34.68 -6.82 19.01
C CYS A 91 35.70 -7.91 18.72
N PHE A 92 35.42 -8.74 17.72
CA PHE A 92 36.36 -9.80 17.34
C PHE A 92 36.93 -9.44 15.99
N PRO A 93 38.04 -8.69 15.97
CA PRO A 93 38.63 -8.31 14.69
C PRO A 93 38.95 -9.48 13.77
N GLN A 94 39.03 -10.67 14.35
CA GLN A 94 39.31 -11.86 13.55
C GLN A 94 38.16 -12.14 12.60
N ILE A 95 36.97 -11.73 13.00
CA ILE A 95 35.79 -11.93 12.18
C ILE A 95 35.87 -11.02 10.96
N LEU A 96 36.37 -9.79 11.15
CA LEU A 96 36.50 -8.86 10.04
C LEU A 96 37.36 -9.50 8.96
N GLN A 97 38.48 -10.06 9.37
CA GLN A 97 39.38 -10.68 8.43
C GLN A 97 38.77 -11.91 7.77
N HIS A 98 38.18 -12.79 8.56
CA HIS A 98 37.60 -13.98 7.98
C HIS A 98 36.51 -13.61 6.99
N ARG A 99 35.67 -12.64 7.34
CA ARG A 99 34.58 -12.20 6.49
C ARG A 99 35.11 -11.69 5.16
N LEU A 100 36.17 -10.90 5.22
CA LEU A 100 36.78 -10.37 4.02
C LEU A 100 37.28 -11.54 3.16
N ARG A 101 37.99 -12.48 3.79
CA ARG A 101 38.53 -13.62 3.08
C ARG A 101 37.43 -14.46 2.42
N SER A 102 36.26 -14.45 3.04
CA SER A 102 35.12 -15.20 2.56
C SER A 102 34.49 -14.66 1.29
N ILE A 103 34.33 -13.35 1.23
CA ILE A 103 33.73 -12.74 0.04
C ILE A 103 34.73 -12.83 -1.11
N ASN A 104 36.02 -12.66 -0.81
CA ASN A 104 37.03 -12.75 -1.85
C ASN A 104 37.01 -14.16 -2.42
N ALA A 105 36.82 -15.14 -1.54
CA ALA A 105 36.76 -16.55 -1.91
C ALA A 105 35.52 -16.80 -2.75
N ALA A 106 34.43 -16.13 -2.39
CA ALA A 106 33.19 -16.28 -3.12
C ALA A 106 33.35 -15.76 -4.54
N PHE A 107 34.05 -14.64 -4.69
CA PHE A 107 34.27 -14.08 -6.02
C PHE A 107 35.30 -14.88 -6.78
N LYS A 108 36.11 -15.62 -6.05
CA LYS A 108 37.11 -16.46 -6.69
C LYS A 108 36.38 -17.71 -7.17
N ARG A 109 35.53 -18.27 -6.32
CA ARG A 109 34.78 -19.46 -6.66
C ARG A 109 33.94 -19.23 -7.92
N ALA A 110 33.71 -17.97 -8.24
CA ALA A 110 32.92 -17.61 -9.41
C ALA A 110 33.76 -17.20 -10.61
N ARG A 111 34.91 -16.59 -10.37
CA ARG A 111 35.78 -16.17 -11.48
C ARG A 111 36.25 -17.36 -12.28
N GLU A 112 36.63 -18.41 -11.59
CA GLU A 112 37.12 -19.61 -12.24
C GLU A 112 35.97 -20.36 -12.87
N SER A 113 34.92 -20.55 -12.09
CA SER A 113 33.76 -21.27 -12.57
C SER A 113 33.23 -20.69 -13.90
N TYR A 114 33.45 -19.42 -14.14
CA TYR A 114 32.98 -18.81 -15.37
C TYR A 114 34.08 -18.79 -16.41
N GLY A 115 35.27 -18.40 -15.97
CA GLY A 115 36.41 -18.29 -16.84
C GLY A 115 36.81 -16.83 -16.96
N TYR A 116 36.54 -16.06 -15.91
CA TYR A 116 36.83 -14.63 -15.88
C TYR A 116 38.34 -14.40 -15.69
N ASN A 117 38.95 -13.64 -16.60
CA ASN A 117 40.39 -13.34 -16.57
C ASN A 117 40.76 -12.04 -15.84
N GLY A 118 39.80 -11.47 -15.12
CA GLY A 118 40.07 -10.23 -14.41
C GLY A 118 40.29 -10.46 -12.94
N ASP A 119 40.91 -9.47 -12.30
CA ASP A 119 41.19 -9.56 -10.87
C ASP A 119 39.99 -9.02 -10.10
N TYR A 120 39.93 -9.32 -8.83
CA TYR A 120 38.85 -8.81 -8.00
C TYR A 120 39.30 -8.48 -6.60
N PHE A 121 38.96 -7.28 -6.14
CA PHE A 121 39.28 -6.89 -4.79
C PHE A 121 38.26 -5.91 -4.22
N LEU A 122 38.02 -6.06 -2.94
CA LEU A 122 37.05 -5.25 -2.21
C LEU A 122 37.61 -3.88 -1.85
N VAL A 123 36.76 -2.86 -1.88
CA VAL A 123 37.22 -1.53 -1.52
C VAL A 123 36.32 -1.01 -0.40
N TYR A 124 36.75 -1.22 0.84
CA TYR A 124 35.99 -0.84 2.01
C TYR A 124 35.73 0.65 2.14
N PRO A 125 34.45 1.07 2.09
CA PRO A 125 34.05 2.48 2.22
C PRO A 125 34.04 2.87 3.69
N ILE A 126 35.01 3.68 4.08
CA ILE A 126 35.15 4.15 5.44
C ILE A 126 33.80 4.54 6.02
N LYS A 127 32.94 5.13 5.21
CA LYS A 127 31.62 5.57 5.67
C LYS A 127 30.95 4.65 6.70
N VAL A 128 30.94 3.33 6.45
CA VAL A 128 30.26 2.38 7.35
C VAL A 128 30.88 2.15 8.72
N ASN A 129 32.07 2.70 8.93
CA ASN A 129 32.77 2.57 10.20
C ASN A 129 34.19 3.05 9.94
N GLN A 130 34.54 4.15 10.58
CA GLN A 130 35.85 4.73 10.40
C GLN A 130 36.82 4.28 11.47
N HIS A 131 36.31 3.57 12.47
CA HIS A 131 37.15 3.12 13.59
C HIS A 131 38.46 2.44 13.24
N ARG A 132 39.52 2.90 13.89
CA ARG A 132 40.84 2.34 13.68
C ARG A 132 40.80 0.81 13.58
N ARG A 133 40.14 0.16 14.54
CA ARG A 133 40.07 -1.31 14.54
C ARG A 133 39.68 -1.92 13.20
N VAL A 134 38.61 -1.42 12.60
CA VAL A 134 38.16 -1.93 11.32
C VAL A 134 39.16 -1.65 10.21
N ILE A 135 39.45 -0.37 9.99
CA ILE A 135 40.39 0.01 8.94
C ILE A 135 41.65 -0.82 9.08
N GLU A 136 42.20 -0.90 10.28
CA GLU A 136 43.43 -1.67 10.47
C GLU A 136 43.28 -3.17 10.23
N SER A 137 42.33 -3.82 10.91
CA SER A 137 42.15 -5.26 10.74
C SER A 137 42.07 -5.69 9.28
N LEU A 138 41.46 -4.86 8.46
CA LEU A 138 41.32 -5.15 7.03
C LEU A 138 42.66 -5.00 6.33
N ILE A 139 43.30 -3.84 6.48
CA ILE A 139 44.60 -3.55 5.89
C ILE A 139 45.58 -4.66 6.26
N HIS A 140 45.71 -4.91 7.58
CA HIS A 140 46.62 -5.93 8.11
C HIS A 140 46.14 -7.35 7.89
N SER A 141 45.51 -7.59 6.76
CA SER A 141 45.08 -8.92 6.43
C SER A 141 45.84 -9.40 5.21
N GLY A 142 45.57 -10.61 4.77
CA GLY A 142 46.27 -11.13 3.63
C GLY A 142 45.63 -10.80 2.29
N GLU A 143 44.34 -10.46 2.33
CA GLU A 143 43.57 -10.16 1.12
C GLU A 143 43.82 -8.74 0.61
N PRO A 144 43.73 -8.54 -0.71
CA PRO A 144 43.96 -7.23 -1.33
C PRO A 144 42.72 -6.38 -1.17
N LEU A 145 42.90 -5.14 -0.72
CA LEU A 145 41.74 -4.24 -0.56
C LEU A 145 42.04 -2.76 -0.72
N GLY A 146 40.99 -1.99 -1.01
CA GLY A 146 41.15 -0.57 -1.18
C GLY A 146 40.31 0.20 -0.17
N LEU A 147 40.39 1.52 -0.21
CA LEU A 147 39.64 2.34 0.73
C LEU A 147 38.86 3.43 0.02
N GLU A 148 37.58 3.61 0.36
CA GLU A 148 36.78 4.63 -0.27
C GLU A 148 36.43 5.74 0.70
N ALA A 149 36.61 6.98 0.25
CA ALA A 149 36.31 8.14 1.08
C ALA A 149 35.13 8.92 0.53
N GLY A 150 34.14 9.17 1.38
CA GLY A 150 32.97 9.91 0.94
C GLY A 150 33.01 11.39 1.24
N SER A 151 34.17 11.92 1.64
CA SER A 151 34.29 13.33 1.94
C SER A 151 35.75 13.67 2.13
N LYS A 152 36.07 14.95 2.23
CA LYS A 152 37.46 15.32 2.40
C LYS A 152 37.98 14.80 3.73
N ALA A 153 37.18 14.91 4.78
CA ALA A 153 37.56 14.44 6.11
C ALA A 153 37.93 12.96 6.07
N GLU A 154 37.09 12.13 5.45
CA GLU A 154 37.40 10.71 5.37
C GLU A 154 38.68 10.48 4.57
N LEU A 155 38.86 11.21 3.47
CA LEU A 155 40.08 11.04 2.65
C LEU A 155 41.31 11.23 3.52
N MET A 156 41.23 12.20 4.42
CA MET A 156 42.30 12.51 5.35
C MET A 156 42.59 11.26 6.18
N ALA A 157 41.57 10.71 6.81
CA ALA A 157 41.71 9.50 7.63
C ALA A 157 42.26 8.31 6.83
N VAL A 158 41.83 8.19 5.57
CA VAL A 158 42.28 7.10 4.71
C VAL A 158 43.77 7.28 4.49
N LEU A 159 44.16 8.47 4.05
CA LEU A 159 45.57 8.75 3.79
C LEU A 159 46.37 8.47 5.04
N ALA A 160 45.76 8.71 6.19
CA ALA A 160 46.42 8.47 7.46
C ALA A 160 46.70 6.98 7.64
N HIS A 161 45.65 6.18 7.66
CA HIS A 161 45.78 4.73 7.82
C HIS A 161 46.68 4.13 6.75
N ALA A 162 46.60 4.68 5.55
CA ALA A 162 47.40 4.20 4.42
C ALA A 162 48.88 4.15 4.79
N GLY A 163 49.47 5.31 5.04
CA GLY A 163 50.88 5.36 5.39
C GLY A 163 51.78 5.43 4.17
N MET A 164 52.94 4.78 4.24
CA MET A 164 53.89 4.77 3.11
C MET A 164 53.69 3.56 2.20
N THR A 165 52.62 2.80 2.46
CA THR A 165 52.27 1.61 1.68
C THR A 165 51.38 2.02 0.51
N ARG A 166 51.92 1.96 -0.71
CA ARG A 166 51.13 2.34 -1.88
C ARG A 166 49.80 1.58 -1.89
N SER A 167 48.72 2.24 -1.43
CA SER A 167 47.39 1.62 -1.38
C SER A 167 46.42 2.27 -2.40
N VAL A 168 45.37 1.56 -2.77
CA VAL A 168 44.36 2.03 -3.72
C VAL A 168 43.27 2.79 -2.98
N ILE A 169 43.03 4.03 -3.39
CA ILE A 169 42.03 4.87 -2.76
C ILE A 169 41.04 5.41 -3.79
N VAL A 170 39.77 5.51 -3.43
CA VAL A 170 38.76 6.03 -4.35
C VAL A 170 37.94 7.10 -3.65
N CYS A 171 37.80 8.25 -4.31
CA CYS A 171 37.08 9.37 -3.76
C CYS A 171 35.71 9.64 -4.34
N ASN A 172 34.73 9.67 -3.44
CA ASN A 172 33.34 9.92 -3.77
C ASN A 172 32.81 11.11 -3.01
N GLY A 173 31.53 11.38 -3.19
CA GLY A 173 30.90 12.51 -2.51
C GLY A 173 31.07 13.84 -3.22
N TYR A 174 30.40 14.87 -2.73
CA TYR A 174 30.49 16.19 -3.33
C TYR A 174 31.93 16.68 -3.18
N LYS A 175 32.49 17.22 -4.26
CA LYS A 175 33.88 17.69 -4.24
C LYS A 175 34.05 19.19 -4.53
N ASP A 176 35.01 19.82 -3.83
CA ASP A 176 35.35 21.23 -4.00
C ASP A 176 36.84 21.32 -4.27
N ARG A 177 37.39 22.54 -4.34
CA ARG A 177 38.82 22.68 -4.60
C ARG A 177 39.65 21.84 -3.62
N GLU A 178 39.63 22.24 -2.35
CA GLU A 178 40.38 21.55 -1.30
C GLU A 178 40.40 20.02 -1.43
N TYR A 179 39.24 19.41 -1.60
CA TYR A 179 39.13 17.96 -1.74
C TYR A 179 39.81 17.43 -3.00
N ILE A 180 39.45 17.99 -4.16
CA ILE A 180 40.05 17.58 -5.45
C ILE A 180 41.57 17.66 -5.35
N ARG A 181 42.06 18.77 -4.75
CA ARG A 181 43.50 18.98 -4.58
C ARG A 181 44.13 17.83 -3.83
N LEU A 182 43.69 17.67 -2.58
CA LEU A 182 44.20 16.60 -1.71
C LEU A 182 44.22 15.29 -2.47
N ALA A 183 43.12 14.99 -3.16
CA ALA A 183 43.02 13.77 -3.94
C ALA A 183 44.17 13.68 -4.93
N LEU A 184 44.36 14.74 -5.71
CA LEU A 184 45.42 14.78 -6.71
C LEU A 184 46.80 14.68 -6.06
N ILE A 185 46.95 15.32 -4.91
CA ILE A 185 48.20 15.30 -4.17
C ILE A 185 48.50 13.89 -3.68
N GLY A 186 47.45 13.09 -3.51
CA GLY A 186 47.65 11.74 -3.05
C GLY A 186 48.14 10.88 -4.19
N GLU A 187 47.78 11.24 -5.42
CA GLU A 187 48.19 10.49 -6.61
C GLU A 187 49.66 10.74 -6.88
N LYS A 188 50.05 12.01 -6.83
CA LYS A 188 51.43 12.42 -7.06
C LYS A 188 52.32 11.80 -5.96
N MET A 189 51.71 11.56 -4.81
CA MET A 189 52.37 10.98 -3.63
C MET A 189 52.78 9.52 -3.86
N GLY A 190 52.13 8.86 -4.82
CA GLY A 190 52.45 7.48 -5.11
C GLY A 190 51.18 6.64 -5.12
N HIS A 191 50.33 6.87 -4.15
CA HIS A 191 49.06 6.15 -4.05
C HIS A 191 48.26 6.18 -5.33
N LYS A 192 47.62 5.07 -5.67
CA LYS A 192 46.81 4.97 -6.87
C LYS A 192 45.40 5.39 -6.46
N VAL A 193 45.16 6.70 -6.48
CA VAL A 193 43.88 7.23 -6.08
C VAL A 193 42.97 7.64 -7.25
N TYR A 194 41.78 7.06 -7.26
CA TYR A 194 40.76 7.31 -8.28
C TYR A 194 39.80 8.39 -7.84
N LEU A 195 39.64 9.41 -8.69
CA LEU A 195 38.74 10.52 -8.39
C LEU A 195 37.45 10.36 -9.19
N VAL A 196 36.42 9.76 -8.59
CA VAL A 196 35.16 9.53 -9.29
C VAL A 196 34.35 10.79 -9.65
N ILE A 197 34.15 10.99 -10.95
CA ILE A 197 33.37 12.10 -11.47
C ILE A 197 31.90 11.77 -11.29
N GLU A 198 31.20 12.55 -10.47
CA GLU A 198 29.78 12.29 -10.22
C GLU A 198 28.94 13.52 -10.45
N LYS A 199 29.48 14.45 -11.23
CA LYS A 199 28.77 15.68 -11.52
C LYS A 199 29.56 16.39 -12.63
N MET A 200 28.90 16.77 -13.73
CA MET A 200 29.61 17.43 -14.82
C MET A 200 30.53 18.57 -14.40
N SER A 201 30.02 19.49 -13.58
CA SER A 201 30.83 20.63 -13.14
C SER A 201 32.15 20.25 -12.43
N GLU A 202 32.29 18.99 -12.02
CA GLU A 202 33.48 18.51 -11.33
C GLU A 202 34.66 18.33 -12.27
N ILE A 203 34.41 17.75 -13.44
CA ILE A 203 35.47 17.51 -14.41
C ILE A 203 36.26 18.77 -14.79
N ALA A 204 35.59 19.92 -14.73
CA ALA A 204 36.24 21.18 -15.05
C ALA A 204 37.34 21.46 -14.02
N ILE A 205 36.99 21.34 -12.75
CA ILE A 205 37.91 21.59 -11.66
C ILE A 205 39.09 20.62 -11.61
N VAL A 206 38.81 19.32 -11.57
CA VAL A 206 39.88 18.33 -11.48
C VAL A 206 40.94 18.54 -12.53
N LEU A 207 40.50 18.90 -13.73
CA LEU A 207 41.40 19.13 -14.86
C LEU A 207 42.30 20.34 -14.61
N ASP A 208 41.69 21.45 -14.24
CA ASP A 208 42.42 22.66 -13.96
C ASP A 208 43.41 22.45 -12.82
N GLU A 209 42.96 21.83 -11.73
CA GLU A 209 43.82 21.59 -10.58
C GLU A 209 44.92 20.57 -10.88
N ALA A 210 44.68 19.75 -11.90
CA ALA A 210 45.63 18.73 -12.32
C ALA A 210 46.81 19.41 -12.97
N GLU A 211 46.55 20.50 -13.70
CA GLU A 211 47.62 21.23 -14.35
C GLU A 211 48.36 22.08 -13.35
N ARG A 212 47.61 22.67 -12.43
CA ARG A 212 48.21 23.50 -11.39
C ARG A 212 49.18 22.68 -10.55
N LEU A 213 48.80 21.46 -10.19
CA LEU A 213 49.68 20.60 -9.39
C LEU A 213 50.57 19.78 -10.30
N ASN A 214 50.35 19.96 -11.58
CA ASN A 214 51.10 19.23 -12.60
C ASN A 214 51.18 17.75 -12.26
N VAL A 215 50.04 17.08 -12.43
CA VAL A 215 49.92 15.65 -12.18
C VAL A 215 48.90 15.07 -13.15
N VAL A 216 49.22 13.88 -13.66
CA VAL A 216 48.38 13.16 -14.59
C VAL A 216 47.22 12.55 -13.79
N PRO A 217 46.01 13.09 -13.96
CA PRO A 217 44.82 12.59 -13.25
C PRO A 217 44.33 11.17 -13.60
N ARG A 218 44.06 10.41 -12.55
CA ARG A 218 43.57 9.03 -12.65
C ARG A 218 42.19 9.16 -12.06
N LEU A 219 41.17 9.09 -12.91
CA LEU A 219 39.82 9.24 -12.44
C LEU A 219 38.83 8.26 -13.05
N GLY A 220 37.69 8.11 -12.39
CA GLY A 220 36.63 7.22 -12.85
C GLY A 220 35.33 7.99 -12.99
N VAL A 221 34.29 7.36 -13.54
CA VAL A 221 33.02 8.03 -13.73
C VAL A 221 31.85 7.22 -13.17
N ARG A 222 30.87 7.91 -12.60
CA ARG A 222 29.69 7.26 -12.03
C ARG A 222 28.47 7.65 -12.86
N ALA A 223 27.91 6.67 -13.57
CA ALA A 223 26.75 6.91 -14.44
C ALA A 223 25.39 6.56 -13.86
N ARG A 224 24.42 7.41 -14.15
CA ARG A 224 23.09 7.16 -13.67
C ARG A 224 22.48 6.00 -14.42
N LEU A 225 21.69 5.20 -13.72
CA LEU A 225 21.06 4.04 -14.32
C LEU A 225 19.55 4.23 -14.41
N ALA A 226 18.92 3.69 -15.45
CA ALA A 226 17.48 3.79 -15.63
C ALA A 226 16.79 2.50 -15.15
N SER A 227 17.60 1.55 -14.66
CA SER A 227 17.13 0.28 -14.16
C SER A 227 16.16 0.42 -12.98
N GLN A 228 16.52 1.24 -11.98
CA GLN A 228 15.67 1.45 -10.82
C GLN A 228 14.24 1.76 -11.26
N GLY A 229 14.07 2.69 -12.20
CA GLY A 229 12.75 3.02 -12.73
C GLY A 229 11.90 4.03 -12.00
N SER A 230 12.27 5.31 -12.13
CA SER A 230 11.55 6.36 -11.44
C SER A 230 12.13 7.72 -11.77
N GLY A 231 12.84 7.80 -12.88
CA GLY A 231 13.45 9.07 -13.27
C GLY A 231 14.80 9.26 -12.61
N LYS A 232 15.43 8.16 -12.22
CA LYS A 232 16.73 8.20 -11.57
C LYS A 232 17.77 8.43 -12.66
N TRP A 233 17.37 8.26 -13.92
CA TRP A 233 18.25 8.44 -15.07
C TRP A 233 18.55 9.90 -15.33
N GLN A 234 17.64 10.77 -14.90
CA GLN A 234 17.80 12.19 -15.08
C GLN A 234 18.80 12.72 -14.07
N SER A 235 19.45 13.83 -14.40
CA SER A 235 20.46 14.40 -13.51
C SER A 235 20.01 15.66 -12.82
N SER A 236 18.88 16.18 -13.29
CA SER A 236 18.36 17.42 -12.74
C SER A 236 16.93 17.29 -12.30
N GLY A 237 16.35 16.10 -12.42
CA GLY A 237 14.96 15.94 -12.02
C GLY A 237 14.72 16.24 -10.55
N GLY A 238 13.45 16.34 -10.17
CA GLY A 238 13.11 16.58 -8.78
C GLY A 238 13.29 15.30 -7.96
N GLU A 239 13.72 14.23 -8.62
CA GLU A 239 13.98 12.95 -7.97
C GLU A 239 15.17 13.14 -7.01
N LYS A 240 15.11 12.54 -5.82
CA LYS A 240 16.21 12.70 -4.85
C LYS A 240 17.40 11.75 -5.09
N SER A 241 18.06 11.91 -6.23
CA SER A 241 19.21 11.07 -6.57
C SER A 241 20.47 11.88 -6.42
N LYS A 242 21.19 11.62 -5.34
CA LYS A 242 22.40 12.35 -5.04
C LYS A 242 23.37 12.63 -6.21
N PHE A 243 24.17 11.64 -6.60
CA PHE A 243 25.13 11.86 -7.68
C PHE A 243 24.92 10.95 -8.87
N GLY A 244 25.76 11.16 -9.88
CA GLY A 244 25.68 10.38 -11.08
C GLY A 244 25.60 11.26 -12.30
N LEU A 245 26.10 10.75 -13.42
CA LEU A 245 26.09 11.48 -14.69
C LEU A 245 25.00 10.91 -15.62
N ALA A 246 24.24 11.81 -16.23
CA ALA A 246 23.17 11.42 -17.14
C ALA A 246 23.81 10.96 -18.44
N ALA A 247 23.10 10.11 -19.20
CA ALA A 247 23.62 9.60 -20.47
C ALA A 247 24.36 10.66 -21.30
N THR A 248 23.74 11.81 -21.47
CA THR A 248 24.33 12.90 -22.24
C THR A 248 25.62 13.44 -21.63
N GLN A 249 25.67 13.50 -20.31
CA GLN A 249 26.84 14.03 -19.59
C GLN A 249 28.02 13.09 -19.62
N VAL A 250 27.74 11.79 -19.73
CA VAL A 250 28.81 10.81 -19.79
C VAL A 250 29.52 11.01 -21.12
N LEU A 251 28.75 11.28 -22.18
CA LEU A 251 29.31 11.51 -23.51
C LEU A 251 30.14 12.81 -23.53
N GLN A 252 29.64 13.83 -22.84
CA GLN A 252 30.32 15.10 -22.76
C GLN A 252 31.63 14.98 -22.01
N LEU A 253 31.70 14.05 -21.07
CA LEU A 253 32.92 13.85 -20.28
C LEU A 253 33.92 13.18 -21.20
N VAL A 254 33.47 12.16 -21.93
CA VAL A 254 34.37 11.45 -22.83
C VAL A 254 34.88 12.42 -23.88
N GLU A 255 34.02 13.34 -24.30
CA GLU A 255 34.38 14.33 -25.32
C GLU A 255 35.38 15.38 -24.81
N THR A 256 35.18 15.83 -23.58
CA THR A 256 36.07 16.80 -22.98
C THR A 256 37.46 16.20 -22.79
N LEU A 257 37.51 14.93 -22.40
CA LEU A 257 38.77 14.25 -22.19
C LEU A 257 39.44 13.99 -23.52
N ARG A 258 38.68 14.07 -24.61
CA ARG A 258 39.23 13.85 -25.94
C ARG A 258 40.00 15.10 -26.38
N GLU A 259 39.45 16.27 -26.02
CA GLU A 259 40.05 17.56 -26.35
C GLU A 259 41.37 17.74 -25.64
N ALA A 260 41.41 17.39 -24.35
CA ALA A 260 42.64 17.52 -23.59
C ALA A 260 43.47 16.26 -23.76
N GLY A 261 43.05 15.40 -24.69
CA GLY A 261 43.78 14.16 -24.94
C GLY A 261 44.12 13.38 -23.70
N ARG A 262 43.11 13.04 -22.89
CA ARG A 262 43.34 12.30 -21.66
C ARG A 262 42.34 11.19 -21.40
N LEU A 263 41.94 10.48 -22.45
CA LEU A 263 41.01 9.39 -22.30
C LEU A 263 41.64 8.26 -21.48
N ASP A 264 42.96 8.28 -21.42
CA ASP A 264 43.69 7.26 -20.69
C ASP A 264 43.48 7.47 -19.19
N SER A 265 43.12 8.69 -18.82
CA SER A 265 42.90 9.02 -17.43
C SER A 265 41.63 8.35 -16.91
N LEU A 266 40.54 8.48 -17.65
CA LEU A 266 39.30 7.86 -17.23
C LEU A 266 39.45 6.36 -17.34
N GLN A 267 39.53 5.69 -16.20
CA GLN A 267 39.70 4.26 -16.25
C GLN A 267 38.88 3.49 -15.23
N LEU A 268 37.92 4.14 -14.59
CA LEU A 268 37.07 3.44 -13.62
C LEU A 268 35.59 3.73 -13.85
N LEU A 269 34.77 2.67 -13.82
CA LEU A 269 33.32 2.79 -14.00
C LEU A 269 32.66 2.50 -12.66
N HIS A 270 31.75 3.36 -12.23
CA HIS A 270 31.12 3.20 -10.93
C HIS A 270 29.60 3.38 -10.93
N PHE A 271 28.93 2.60 -10.09
CA PHE A 271 27.48 2.72 -9.94
C PHE A 271 27.10 2.19 -8.56
N HIS A 272 26.13 2.81 -7.91
CA HIS A 272 25.71 2.38 -6.59
C HIS A 272 24.19 2.22 -6.60
N LEU A 273 23.71 1.03 -6.25
CA LEU A 273 22.27 0.78 -6.21
C LEU A 273 21.70 1.10 -4.82
N GLY A 274 22.59 1.28 -3.83
CA GLY A 274 22.18 1.60 -2.47
C GLY A 274 22.65 0.57 -1.44
N SER A 275 22.38 0.79 -0.16
CA SER A 275 22.81 -0.19 0.85
C SER A 275 21.71 -1.21 1.07
N GLN A 276 22.07 -2.36 1.65
CA GLN A 276 21.09 -3.40 1.94
C GLN A 276 20.11 -3.67 0.80
N MET A 277 20.59 -4.32 -0.26
CA MET A 277 19.74 -4.63 -1.39
C MET A 277 19.06 -5.97 -1.06
N ALA A 278 17.78 -5.88 -0.70
CA ALA A 278 16.99 -7.04 -0.32
C ALA A 278 16.86 -8.10 -1.40
N ASN A 279 16.34 -7.69 -2.55
CA ASN A 279 16.12 -8.57 -3.69
C ASN A 279 17.30 -8.71 -4.63
N ILE A 280 17.69 -9.94 -4.91
CA ILE A 280 18.83 -10.22 -5.79
C ILE A 280 18.61 -9.73 -7.22
N ARG A 281 17.37 -9.71 -7.68
CA ARG A 281 17.07 -9.27 -9.04
C ARG A 281 17.40 -7.80 -9.29
N ASP A 282 17.26 -7.01 -8.24
CA ASP A 282 17.53 -5.58 -8.33
C ASP A 282 18.98 -5.35 -8.71
N ILE A 283 19.83 -6.24 -8.21
CA ILE A 283 21.27 -6.20 -8.44
C ILE A 283 21.59 -6.63 -9.86
N ALA A 284 20.98 -7.73 -10.28
CA ALA A 284 21.21 -8.30 -11.61
C ALA A 284 20.83 -7.26 -12.65
N THR A 285 19.72 -6.60 -12.40
CA THR A 285 19.22 -5.58 -13.29
C THR A 285 20.12 -4.34 -13.23
N GLY A 286 20.89 -4.21 -12.15
CA GLY A 286 21.78 -3.07 -11.98
C GLY A 286 23.10 -3.24 -12.71
N VAL A 287 23.70 -4.42 -12.61
CA VAL A 287 24.97 -4.69 -13.30
C VAL A 287 24.70 -4.86 -14.78
N ARG A 288 23.65 -5.61 -15.11
CA ARG A 288 23.30 -5.82 -16.51
C ARG A 288 23.40 -4.50 -17.25
N GLU A 289 22.73 -3.46 -16.73
CA GLU A 289 22.73 -2.15 -17.38
C GLU A 289 24.07 -1.44 -17.30
N SER A 290 24.55 -1.20 -16.09
CA SER A 290 25.84 -0.55 -15.91
C SER A 290 26.92 -1.23 -16.73
N ALA A 291 26.75 -2.50 -17.04
CA ALA A 291 27.76 -3.26 -17.80
C ALA A 291 27.82 -2.81 -19.25
N ARG A 292 26.69 -2.34 -19.75
CA ARG A 292 26.64 -1.86 -21.10
C ARG A 292 27.36 -0.53 -21.21
N PHE A 293 27.48 0.18 -20.09
CA PHE A 293 28.20 1.44 -20.10
C PHE A 293 29.66 1.10 -20.34
N TYR A 294 30.08 -0.06 -19.86
CA TYR A 294 31.46 -0.49 -20.03
C TYR A 294 31.72 -0.66 -21.53
N VAL A 295 30.92 -1.50 -22.18
CA VAL A 295 31.10 -1.71 -23.62
C VAL A 295 30.84 -0.45 -24.46
N GLU A 296 29.78 0.27 -24.16
CA GLU A 296 29.47 1.48 -24.90
C GLU A 296 30.55 2.53 -24.77
N LEU A 297 31.23 2.51 -23.63
CA LEU A 297 32.28 3.49 -23.38
C LEU A 297 33.54 3.05 -24.08
N HIS A 298 33.72 1.76 -24.23
CA HIS A 298 34.90 1.25 -24.91
C HIS A 298 34.82 1.63 -26.39
N LYS A 299 33.63 1.47 -26.97
CA LYS A 299 33.38 1.80 -28.36
C LYS A 299 33.75 3.25 -28.64
N LEU A 300 33.76 4.09 -27.61
CA LEU A 300 34.13 5.48 -27.83
C LEU A 300 35.61 5.67 -27.65
N GLY A 301 36.31 4.59 -27.28
CA GLY A 301 37.74 4.69 -27.12
C GLY A 301 38.28 4.60 -25.70
N VAL A 302 37.55 5.09 -24.72
CA VAL A 302 38.02 5.03 -23.33
C VAL A 302 38.37 3.58 -22.96
N ASN A 303 39.31 3.41 -22.04
CA ASN A 303 39.73 2.06 -21.64
C ASN A 303 38.90 1.48 -20.48
N ILE A 304 39.15 1.94 -19.27
CA ILE A 304 38.38 1.46 -18.11
C ILE A 304 38.71 0.03 -17.74
N GLN A 305 39.64 -0.14 -16.81
CA GLN A 305 40.05 -1.45 -16.34
C GLN A 305 39.34 -1.79 -15.03
N CYS A 306 38.54 -0.85 -14.55
CA CYS A 306 37.83 -1.07 -13.31
C CYS A 306 36.34 -0.98 -13.43
N PHE A 307 35.68 -1.99 -12.90
CA PHE A 307 34.23 -2.08 -12.88
C PHE A 307 33.87 -2.11 -11.40
N ASP A 308 33.41 -0.98 -10.87
CA ASP A 308 33.05 -0.85 -9.46
C ASP A 308 31.54 -1.01 -9.28
N VAL A 309 31.09 -2.17 -8.79
CA VAL A 309 29.65 -2.42 -8.57
C VAL A 309 29.12 -1.71 -7.32
N GLY A 310 30.04 -1.07 -6.61
CA GLY A 310 29.73 -0.31 -5.40
C GLY A 310 28.80 -0.92 -4.36
N GLY A 311 29.40 -1.53 -3.34
CA GLY A 311 28.60 -2.12 -2.27
C GLY A 311 27.20 -2.60 -2.65
N GLY A 312 26.23 -2.34 -1.78
CA GLY A 312 24.88 -2.79 -2.04
C GLY A 312 24.59 -4.16 -1.45
N LEU A 313 25.61 -5.02 -1.39
CA LEU A 313 25.46 -6.38 -0.87
C LEU A 313 24.88 -6.38 0.52
N GLY A 314 23.74 -7.05 0.65
CA GLY A 314 23.04 -7.10 1.93
C GLY A 314 23.50 -8.12 2.93
N VAL A 315 22.99 -7.97 4.14
CA VAL A 315 23.32 -8.85 5.25
C VAL A 315 22.02 -9.30 5.89
N ASP A 316 21.87 -10.60 6.08
CA ASP A 316 20.66 -11.11 6.70
C ASP A 316 20.70 -10.81 8.20
N TYR A 317 19.78 -9.95 8.65
CA TYR A 317 19.72 -9.58 10.06
C TYR A 317 18.68 -10.40 10.82
N GLU A 318 17.51 -10.61 10.22
CA GLU A 318 16.45 -11.37 10.88
C GLU A 318 16.86 -12.81 11.10
N GLY A 319 17.34 -13.44 10.04
CA GLY A 319 17.75 -14.83 10.17
C GLY A 319 16.80 -15.75 9.42
N THR A 320 15.98 -15.19 8.54
CA THR A 320 15.05 -16.00 7.76
C THR A 320 15.45 -16.08 6.29
N ARG A 321 16.52 -15.36 5.93
CA ARG A 321 17.06 -15.32 4.56
C ARG A 321 15.99 -15.07 3.49
N SER A 322 15.18 -14.03 3.69
CA SER A 322 14.12 -13.68 2.73
C SER A 322 14.31 -12.32 2.08
N GLN A 323 13.28 -11.85 1.40
CA GLN A 323 13.33 -10.56 0.71
C GLN A 323 12.73 -9.42 1.54
N SER A 324 12.63 -9.64 2.85
CA SER A 324 12.07 -8.63 3.74
C SER A 324 12.91 -7.36 3.77
N ASP A 325 12.67 -6.53 4.77
CA ASP A 325 13.36 -5.26 4.92
C ASP A 325 14.81 -5.45 5.39
N CYS A 326 14.99 -6.09 6.54
CA CYS A 326 16.31 -6.35 7.12
C CYS A 326 16.74 -7.78 6.85
N SER A 327 16.77 -8.15 5.57
CA SER A 327 17.12 -9.49 5.18
C SER A 327 17.24 -9.60 3.67
N VAL A 328 18.21 -10.37 3.21
CA VAL A 328 18.41 -10.56 1.78
C VAL A 328 17.94 -11.94 1.33
N ASN A 329 17.56 -12.06 0.05
CA ASN A 329 17.11 -13.33 -0.49
C ASN A 329 18.21 -13.97 -1.36
N TYR A 330 19.45 -13.57 -1.15
CA TYR A 330 20.56 -14.10 -1.91
C TYR A 330 21.82 -14.27 -1.08
N GLY A 331 22.51 -15.40 -1.32
CA GLY A 331 23.74 -15.70 -0.59
C GLY A 331 24.97 -14.99 -1.14
N LEU A 332 26.11 -15.22 -0.50
CA LEU A 332 27.38 -14.63 -0.92
C LEU A 332 27.79 -15.03 -2.31
N ASN A 333 27.67 -16.31 -2.61
CA ASN A 333 28.07 -16.77 -3.92
C ASN A 333 27.13 -16.25 -4.96
N GLU A 334 25.84 -16.39 -4.71
CA GLU A 334 24.85 -15.93 -5.67
C GLU A 334 25.14 -14.52 -6.13
N TYR A 335 25.50 -13.65 -5.18
CA TYR A 335 25.82 -12.27 -5.50
C TYR A 335 27.06 -12.25 -6.42
N ALA A 336 28.11 -12.93 -6.00
CA ALA A 336 29.33 -12.97 -6.80
C ALA A 336 29.04 -13.42 -8.22
N ASN A 337 28.34 -14.54 -8.35
CA ASN A 337 28.03 -15.07 -9.66
C ASN A 337 27.34 -14.02 -10.51
N ASN A 338 26.24 -13.51 -9.99
CA ASN A 338 25.48 -12.51 -10.71
C ASN A 338 26.36 -11.39 -11.23
N ILE A 339 27.30 -10.93 -10.42
CA ILE A 339 28.18 -9.83 -10.80
C ILE A 339 29.09 -10.25 -11.94
N ILE A 340 29.96 -11.21 -11.66
CA ILE A 340 30.90 -11.68 -12.67
C ILE A 340 30.24 -12.06 -13.99
N TRP A 341 29.22 -12.90 -13.92
CA TRP A 341 28.53 -13.31 -15.13
C TRP A 341 28.06 -12.13 -15.98
N ALA A 342 27.54 -11.09 -15.33
CA ALA A 342 27.04 -9.92 -16.03
C ALA A 342 28.15 -9.26 -16.83
N ILE A 343 29.19 -8.83 -16.12
CA ILE A 343 30.29 -8.19 -16.79
C ILE A 343 30.95 -9.22 -17.70
N GLY A 344 30.90 -10.48 -17.29
CA GLY A 344 31.47 -11.53 -18.11
C GLY A 344 30.86 -11.58 -19.49
N ASP A 345 29.63 -12.08 -19.59
CA ASP A 345 28.96 -12.17 -20.88
C ASP A 345 28.99 -10.85 -21.61
N ALA A 346 28.95 -9.75 -20.87
CA ALA A 346 28.98 -8.44 -21.51
C ALA A 346 30.23 -8.32 -22.36
N CYS A 347 31.37 -8.73 -21.83
CA CYS A 347 32.62 -8.64 -22.57
C CYS A 347 32.69 -9.60 -23.73
N GLU A 348 32.44 -10.88 -23.45
CA GLU A 348 32.49 -11.91 -24.48
C GLU A 348 31.78 -11.45 -25.75
N GLU A 349 30.51 -11.11 -25.63
CA GLU A 349 29.73 -10.67 -26.78
C GLU A 349 30.44 -9.68 -27.67
N ASN A 350 30.84 -8.54 -27.11
CA ASN A 350 31.52 -7.48 -27.87
C ASN A 350 33.01 -7.69 -28.05
N GLY A 351 33.52 -8.83 -27.58
CA GLY A 351 34.94 -9.12 -27.70
C GLY A 351 35.84 -8.13 -26.96
N LEU A 352 35.57 -7.95 -25.68
CA LEU A 352 36.37 -7.04 -24.87
C LEU A 352 37.10 -7.79 -23.77
N PRO A 353 38.19 -7.20 -23.27
CA PRO A 353 38.99 -7.80 -22.20
C PRO A 353 38.26 -7.70 -20.86
N HIS A 354 38.46 -8.70 -19.99
CA HIS A 354 37.81 -8.73 -18.67
C HIS A 354 38.45 -7.74 -17.70
N PRO A 355 37.70 -6.68 -17.31
CA PRO A 355 38.18 -5.65 -16.39
C PRO A 355 38.23 -6.09 -14.94
N THR A 356 39.01 -5.37 -14.14
CA THR A 356 39.13 -5.69 -12.74
C THR A 356 37.81 -5.37 -12.07
N VAL A 357 37.28 -6.32 -11.31
CA VAL A 357 36.00 -6.12 -10.64
C VAL A 357 36.19 -5.68 -9.18
N ILE A 358 35.66 -4.50 -8.88
CA ILE A 358 35.74 -3.89 -7.55
C ILE A 358 34.36 -3.80 -6.89
N THR A 359 34.34 -3.94 -5.58
CA THR A 359 33.10 -3.83 -4.86
C THR A 359 33.34 -3.09 -3.54
N GLU A 360 32.31 -2.42 -3.03
CA GLU A 360 32.46 -1.68 -1.80
C GLU A 360 31.44 -2.14 -0.77
N SER A 361 31.47 -3.44 -0.47
CA SER A 361 30.54 -4.04 0.47
C SER A 361 30.96 -3.82 1.91
N GLY A 362 30.88 -2.56 2.35
CA GLY A 362 31.27 -2.24 3.71
C GLY A 362 30.46 -3.01 4.74
N ARG A 363 29.17 -2.69 4.84
CA ARG A 363 28.31 -3.38 5.79
C ARG A 363 28.55 -4.88 5.74
N ALA A 364 28.78 -5.40 4.54
CA ALA A 364 28.99 -6.83 4.39
C ALA A 364 30.11 -7.41 5.26
N VAL A 365 31.23 -6.70 5.37
CA VAL A 365 32.36 -7.20 6.16
C VAL A 365 32.35 -6.84 7.66
N THR A 366 31.85 -5.64 7.96
CA THR A 366 31.80 -5.15 9.34
C THR A 366 30.62 -5.69 10.13
N ALA A 367 29.53 -5.95 9.42
CA ALA A 367 28.28 -6.45 9.99
C ALA A 367 28.37 -7.08 11.37
N HIS A 368 28.82 -8.34 11.41
CA HIS A 368 28.90 -9.08 12.66
C HIS A 368 30.27 -9.36 13.23
N HIS A 369 30.95 -8.31 13.64
CA HIS A 369 32.26 -8.48 14.24
C HIS A 369 32.23 -7.85 15.64
N THR A 370 31.10 -7.25 15.97
CA THR A 370 30.94 -6.59 17.27
C THR A 370 29.58 -6.89 17.92
N VAL A 371 29.63 -7.19 19.23
CA VAL A 371 28.43 -7.50 19.99
C VAL A 371 28.32 -6.53 21.16
N LEU A 372 27.14 -5.93 21.29
CA LEU A 372 26.90 -5.01 22.39
C LEU A 372 26.46 -5.89 23.56
N VAL A 373 27.07 -5.71 24.72
CA VAL A 373 26.69 -6.52 25.85
C VAL A 373 26.41 -5.67 27.06
N SER A 374 25.28 -5.89 27.71
CA SER A 374 24.96 -5.17 28.93
C SER A 374 24.19 -6.02 29.92
N ASN A 375 23.82 -5.44 31.06
CA ASN A 375 23.10 -6.15 32.10
C ASN A 375 21.69 -5.58 32.36
N ILE A 376 20.88 -6.37 33.08
CA ILE A 376 19.51 -5.95 33.41
C ILE A 376 19.61 -5.20 34.75
N ILE A 377 19.22 -3.93 34.74
CA ILE A 377 19.30 -3.14 35.94
C ILE A 377 18.06 -3.23 36.81
N GLY A 378 16.99 -3.81 36.28
CA GLY A 378 15.79 -3.95 37.05
C GLY A 378 14.76 -4.58 36.17
N VAL A 379 13.83 -5.33 36.76
CA VAL A 379 12.75 -5.97 36.00
C VAL A 379 11.37 -5.68 36.63
N GLU A 380 10.33 -5.72 35.81
CA GLU A 380 8.98 -5.51 36.32
C GLU A 380 8.10 -6.73 36.05
N ARG A 381 8.20 -7.72 36.94
CA ARG A 381 7.44 -8.96 36.86
C ARG A 381 6.13 -8.73 37.65
N ASN A 382 5.00 -9.24 37.15
CA ASN A 382 3.72 -9.07 37.87
C ASN A 382 3.70 -9.99 39.09
N GLU A 383 2.97 -9.56 40.11
CA GLU A 383 2.87 -10.33 41.35
C GLU A 383 1.48 -10.94 41.55
N TYR A 384 1.35 -12.23 41.24
CA TYR A 384 0.08 -12.94 41.39
C TYR A 384 -0.32 -13.06 42.86
N THR A 385 -1.50 -12.55 43.20
CA THR A 385 -2.01 -12.61 44.56
C THR A 385 -3.49 -12.91 44.55
N VAL A 386 -3.87 -13.93 45.31
CA VAL A 386 -5.26 -14.33 45.41
C VAL A 386 -6.08 -13.16 45.93
N PRO A 387 -7.02 -12.67 45.11
CA PRO A 387 -7.89 -11.55 45.46
C PRO A 387 -8.87 -11.87 46.59
N THR A 388 -9.28 -10.83 47.31
CA THR A 388 -10.22 -10.99 48.42
C THR A 388 -11.50 -10.25 48.09
N ALA A 389 -12.64 -10.86 48.42
CA ALA A 389 -13.93 -10.25 48.14
C ALA A 389 -13.90 -8.74 48.39
N PRO A 390 -14.57 -7.96 47.54
CA PRO A 390 -14.64 -6.50 47.64
C PRO A 390 -15.65 -6.04 48.70
N ALA A 391 -15.65 -4.74 49.02
CA ALA A 391 -16.57 -4.19 50.00
C ALA A 391 -18.03 -4.52 49.64
N GLU A 392 -18.76 -5.14 50.58
CA GLU A 392 -20.15 -5.50 50.33
C GLU A 392 -20.95 -4.33 49.73
N ASP A 393 -20.59 -3.11 50.12
CA ASP A 393 -21.26 -1.93 49.60
C ASP A 393 -20.32 -1.18 48.64
N ALA A 394 -19.86 -1.91 47.62
CA ALA A 394 -18.98 -1.35 46.60
C ALA A 394 -19.77 -1.38 45.31
N PRO A 395 -19.35 -0.59 44.32
CA PRO A 395 -20.03 -0.53 43.02
C PRO A 395 -20.31 -1.90 42.39
N ARG A 396 -21.31 -1.97 41.52
CA ARG A 396 -21.68 -3.23 40.87
C ARG A 396 -20.57 -3.73 39.97
N ALA A 397 -19.87 -2.81 39.31
CA ALA A 397 -18.78 -3.18 38.41
C ALA A 397 -17.76 -4.10 39.09
N LEU A 398 -17.40 -3.80 40.34
CA LEU A 398 -16.43 -4.61 41.10
C LEU A 398 -17.05 -5.91 41.59
N GLN A 399 -18.34 -5.86 41.90
CA GLN A 399 -19.08 -7.02 42.35
C GLN A 399 -19.11 -8.00 41.17
N SER A 400 -19.26 -7.43 39.99
CA SER A 400 -19.30 -8.18 38.75
C SER A 400 -17.96 -8.90 38.49
N MET A 401 -16.85 -8.21 38.69
CA MET A 401 -15.55 -8.84 38.48
C MET A 401 -15.31 -9.99 39.47
N TRP A 402 -15.76 -9.80 40.72
CA TRP A 402 -15.61 -10.83 41.75
C TRP A 402 -16.56 -11.99 41.46
N GLU A 403 -17.75 -11.66 40.97
CA GLU A 403 -18.74 -12.68 40.65
C GLU A 403 -18.14 -13.65 39.63
N THR A 404 -17.41 -13.10 38.66
CA THR A 404 -16.77 -13.89 37.60
C THR A 404 -15.61 -14.72 38.12
N TRP A 405 -14.93 -14.22 39.14
CA TRP A 405 -13.78 -14.91 39.73
C TRP A 405 -14.23 -16.17 40.45
N GLN A 406 -15.26 -16.03 41.27
CA GLN A 406 -15.78 -17.16 42.03
C GLN A 406 -16.28 -18.22 41.07
N GLU A 407 -16.86 -17.77 39.97
CA GLU A 407 -17.38 -18.68 38.96
C GLU A 407 -16.29 -19.50 38.28
N MET A 408 -15.07 -18.98 38.23
CA MET A 408 -13.96 -19.72 37.62
C MET A 408 -13.56 -20.88 38.51
N HIS A 409 -13.54 -20.64 39.82
CA HIS A 409 -13.17 -21.63 40.82
C HIS A 409 -14.34 -22.45 41.33
N GLU A 410 -14.80 -23.36 40.50
CA GLU A 410 -15.94 -24.21 40.82
C GLU A 410 -16.36 -25.00 39.59
N PRO A 411 -16.59 -26.31 39.74
CA PRO A 411 -17.00 -27.19 38.63
C PRO A 411 -18.23 -26.74 37.79
N GLY A 412 -17.96 -25.92 36.78
CA GLY A 412 -19.01 -25.42 35.90
C GLY A 412 -18.60 -25.67 34.46
N THR A 413 -18.23 -24.61 33.74
CA THR A 413 -17.79 -24.72 32.34
C THR A 413 -16.35 -24.21 32.18
N ARG A 414 -15.51 -24.99 31.53
CA ARG A 414 -14.11 -24.61 31.35
C ARG A 414 -13.78 -23.87 30.03
N ARG A 415 -14.55 -24.11 28.95
CA ARG A 415 -14.32 -23.46 27.64
C ARG A 415 -14.89 -22.03 27.58
N SER A 416 -15.72 -21.75 28.59
CA SER A 416 -16.40 -20.47 28.80
C SER A 416 -15.41 -19.47 29.36
N LEU A 417 -14.13 -19.80 29.26
CA LEU A 417 -13.08 -18.92 29.74
C LEU A 417 -12.91 -17.78 28.74
N ARG A 418 -13.08 -18.08 27.46
CA ARG A 418 -12.96 -17.04 26.44
C ARG A 418 -13.93 -15.91 26.79
N GLU A 419 -15.08 -16.28 27.36
CA GLU A 419 -16.11 -15.32 27.77
C GLU A 419 -15.74 -14.60 29.07
N TRP A 420 -15.27 -15.35 30.08
CA TRP A 420 -14.88 -14.76 31.35
C TRP A 420 -13.86 -13.67 31.13
N LEU A 421 -13.01 -13.86 30.13
CA LEU A 421 -11.98 -12.89 29.81
C LEU A 421 -12.63 -11.60 29.36
N HIS A 422 -13.50 -11.70 28.35
CA HIS A 422 -14.20 -10.55 27.83
C HIS A 422 -14.95 -9.84 28.93
N ASP A 423 -15.39 -10.59 29.93
CA ASP A 423 -16.13 -10.00 31.05
C ASP A 423 -15.24 -9.14 31.92
N SER A 424 -14.12 -9.69 32.38
CA SER A 424 -13.19 -8.94 33.22
C SER A 424 -12.63 -7.72 32.49
N GLN A 425 -12.37 -7.87 31.19
CA GLN A 425 -11.84 -6.77 30.40
C GLN A 425 -12.76 -5.59 30.40
N MET A 426 -14.05 -5.84 30.17
CA MET A 426 -15.04 -4.77 30.12
C MET A 426 -15.32 -4.14 31.49
N ASP A 427 -15.35 -4.95 32.54
CA ASP A 427 -15.59 -4.39 33.86
C ASP A 427 -14.41 -3.51 34.22
N LEU A 428 -13.19 -4.01 33.97
CA LEU A 428 -12.00 -3.22 34.29
C LEU A 428 -12.00 -1.88 33.54
N HIS A 429 -12.49 -1.91 32.32
CA HIS A 429 -12.56 -0.71 31.49
C HIS A 429 -13.56 0.29 32.06
N ASP A 430 -14.67 -0.21 32.57
CA ASP A 430 -15.73 0.62 33.15
C ASP A 430 -15.23 1.33 34.41
N ILE A 431 -14.60 0.57 35.30
CA ILE A 431 -14.13 1.18 36.52
C ILE A 431 -12.97 2.13 36.16
N HIS A 432 -12.28 1.86 35.06
CA HIS A 432 -11.15 2.71 34.61
C HIS A 432 -11.61 4.08 34.13
N ILE A 433 -12.52 4.07 33.17
CA ILE A 433 -13.07 5.28 32.59
C ILE A 433 -13.88 5.94 33.71
N GLY A 434 -14.51 5.11 34.54
CA GLY A 434 -15.30 5.60 35.65
C GLY A 434 -14.46 6.27 36.72
N TYR A 435 -13.21 5.84 36.82
CA TYR A 435 -12.29 6.39 37.79
C TYR A 435 -11.97 7.83 37.45
N SER A 436 -11.82 8.10 36.15
CA SER A 436 -11.51 9.44 35.70
C SER A 436 -12.73 10.32 35.87
N SER A 437 -13.90 9.72 35.74
CA SER A 437 -15.15 10.47 35.89
C SER A 437 -15.35 10.89 37.34
N GLY A 438 -14.59 10.27 38.23
CA GLY A 438 -14.71 10.58 39.65
C GLY A 438 -15.81 9.79 40.34
N ILE A 439 -16.07 8.56 39.89
CA ILE A 439 -17.10 7.74 40.50
C ILE A 439 -16.53 6.39 40.91
N PHE A 440 -15.22 6.36 41.17
CA PHE A 440 -14.47 5.16 41.58
C PHE A 440 -13.20 5.58 42.33
N SER A 441 -12.95 4.98 43.48
CA SER A 441 -11.77 5.35 44.26
C SER A 441 -10.53 4.61 43.80
N LEU A 442 -9.39 5.25 44.01
CA LEU A 442 -8.12 4.66 43.65
C LEU A 442 -8.00 3.27 44.26
N GLN A 443 -8.52 3.08 45.47
CA GLN A 443 -8.46 1.77 46.14
C GLN A 443 -9.23 0.75 45.31
N GLU A 444 -10.33 1.20 44.74
CA GLU A 444 -11.18 0.35 43.93
C GLU A 444 -10.48 0.04 42.61
N ARG A 445 -9.89 1.05 41.98
CA ARG A 445 -9.18 0.85 40.72
C ARG A 445 -8.01 -0.10 40.92
N ALA A 446 -7.26 0.09 41.99
CA ALA A 446 -6.11 -0.76 42.28
C ALA A 446 -6.56 -2.18 42.51
N TRP A 447 -7.76 -2.32 43.08
CA TRP A 447 -8.29 -3.64 43.37
C TRP A 447 -8.66 -4.35 42.08
N ALA A 448 -9.47 -3.68 41.27
CA ALA A 448 -9.92 -4.24 39.99
C ALA A 448 -8.74 -4.63 39.11
N GLU A 449 -7.76 -3.73 38.99
CA GLU A 449 -6.58 -4.01 38.19
C GLU A 449 -5.93 -5.31 38.62
N GLN A 450 -5.80 -5.52 39.93
CA GLN A 450 -5.17 -6.75 40.41
C GLN A 450 -6.01 -8.00 40.19
N LEU A 451 -7.32 -7.88 40.39
CA LEU A 451 -8.18 -9.02 40.17
C LEU A 451 -8.06 -9.43 38.71
N TYR A 452 -8.01 -8.45 37.80
CA TYR A 452 -7.89 -8.75 36.38
C TYR A 452 -6.57 -9.43 36.08
N LEU A 453 -5.49 -8.96 36.69
CA LEU A 453 -4.19 -9.57 36.46
C LEU A 453 -4.15 -10.99 37.02
N SER A 454 -4.96 -11.25 38.04
CA SER A 454 -5.03 -12.59 38.61
C SER A 454 -5.88 -13.45 37.66
N MET A 455 -6.93 -12.84 37.10
CA MET A 455 -7.83 -13.51 36.16
C MET A 455 -7.04 -14.03 34.99
N CYS A 456 -6.04 -13.28 34.56
CA CYS A 456 -5.21 -13.68 33.43
C CYS A 456 -4.32 -14.83 33.83
N HIS A 457 -3.59 -14.65 34.93
CA HIS A 457 -2.69 -15.70 35.40
C HIS A 457 -3.43 -17.03 35.51
N GLU A 458 -4.72 -16.97 35.80
CA GLU A 458 -5.53 -18.18 35.94
C GLU A 458 -5.95 -18.75 34.60
N VAL A 459 -6.46 -17.88 33.74
CA VAL A 459 -6.92 -18.29 32.42
C VAL A 459 -5.74 -18.77 31.57
N GLN A 460 -4.56 -18.21 31.83
CA GLN A 460 -3.37 -18.59 31.08
C GLN A 460 -2.97 -20.05 31.36
N LYS A 461 -3.39 -20.58 32.51
CA LYS A 461 -3.09 -21.97 32.92
C LYS A 461 -4.04 -22.94 32.25
N GLN A 462 -5.33 -22.69 32.40
CA GLN A 462 -6.37 -23.54 31.82
C GLN A 462 -6.29 -23.61 30.30
N LEU A 463 -5.93 -22.51 29.67
CA LEU A 463 -5.80 -22.40 28.22
C LEU A 463 -5.24 -23.67 27.56
N ASP A 464 -5.82 -24.06 26.42
CA ASP A 464 -5.36 -25.26 25.69
C ASP A 464 -4.68 -24.88 24.38
N PRO A 465 -3.36 -25.16 24.23
CA PRO A 465 -2.59 -24.83 23.02
C PRO A 465 -3.04 -25.48 21.70
N GLN A 466 -3.75 -26.60 21.82
CA GLN A 466 -4.25 -27.35 20.67
C GLN A 466 -5.63 -26.84 20.20
N ASN A 467 -6.35 -26.18 21.10
CA ASN A 467 -7.66 -25.65 20.75
C ASN A 467 -7.47 -24.40 19.89
N ARG A 468 -8.12 -24.37 18.73
CA ARG A 468 -8.00 -23.25 17.79
C ARG A 468 -8.49 -21.92 18.36
N ALA A 469 -9.53 -21.97 19.18
CA ALA A 469 -10.09 -20.77 19.79
C ALA A 469 -9.28 -20.31 21.00
N HIS A 470 -8.24 -21.06 21.36
CA HIS A 470 -7.40 -20.72 22.52
C HIS A 470 -6.02 -20.16 22.16
N ARG A 471 -5.71 -20.17 20.87
CA ARG A 471 -4.42 -19.67 20.37
C ARG A 471 -4.40 -18.14 20.18
N PRO A 472 -5.51 -17.55 19.71
CA PRO A 472 -5.53 -16.09 19.54
C PRO A 472 -5.43 -15.37 20.90
N ILE A 473 -5.73 -16.10 21.96
CA ILE A 473 -5.67 -15.55 23.32
C ILE A 473 -4.37 -15.87 23.99
N ILE A 474 -3.89 -17.09 23.79
CA ILE A 474 -2.64 -17.50 24.39
C ILE A 474 -1.55 -16.47 24.02
N ASP A 475 -1.71 -15.82 22.85
CA ASP A 475 -0.75 -14.81 22.39
C ASP A 475 -1.06 -13.46 23.00
N GLU A 476 -2.33 -13.22 23.26
CA GLU A 476 -2.75 -11.98 23.88
C GLU A 476 -2.31 -11.96 25.34
N LEU A 477 -2.30 -13.11 25.99
CA LEU A 477 -1.88 -13.15 27.39
C LEU A 477 -0.38 -13.09 27.56
N GLN A 478 0.36 -13.70 26.65
CA GLN A 478 1.81 -13.66 26.75
C GLN A 478 2.30 -12.23 26.76
N GLU A 479 1.53 -11.34 26.14
CA GLU A 479 1.86 -9.92 26.08
C GLU A 479 1.59 -9.28 27.42
N ARG A 480 0.34 -9.37 27.85
CA ARG A 480 -0.10 -8.80 29.12
C ARG A 480 0.34 -9.64 30.31
N MET A 481 1.49 -10.28 30.20
CA MET A 481 2.00 -11.11 31.30
C MET A 481 3.51 -11.26 31.16
N ALA A 482 4.07 -10.53 30.20
CA ALA A 482 5.51 -10.57 29.95
C ALA A 482 6.24 -9.66 30.91
N ASP A 483 7.50 -9.97 31.17
CA ASP A 483 8.32 -9.18 32.07
C ASP A 483 8.80 -7.94 31.33
N LYS A 484 8.98 -6.85 32.06
CA LYS A 484 9.45 -5.62 31.45
C LYS A 484 10.81 -5.37 32.08
N MET A 485 11.88 -5.72 31.38
CA MET A 485 13.22 -5.53 31.91
C MET A 485 13.91 -4.30 31.34
N TYR A 486 14.78 -3.69 32.16
CA TYR A 486 15.52 -2.50 31.78
C TYR A 486 17.01 -2.78 31.64
N VAL A 487 17.49 -2.63 30.41
CA VAL A 487 18.89 -2.89 30.10
C VAL A 487 19.71 -1.63 30.28
N ASN A 488 20.92 -1.82 30.81
CA ASN A 488 21.84 -0.74 31.09
C ASN A 488 22.55 -0.17 29.86
N PHE A 489 21.82 0.49 28.99
CA PHE A 489 22.42 1.08 27.79
C PHE A 489 21.54 2.15 27.18
N SER A 490 22.02 2.78 26.11
CA SER A 490 21.27 3.81 25.41
C SER A 490 21.08 3.42 23.97
N LEU A 491 19.84 3.15 23.60
CA LEU A 491 19.54 2.76 22.23
C LEU A 491 20.05 3.79 21.22
N PHE A 492 20.00 5.07 21.58
CA PHE A 492 20.43 6.14 20.68
C PHE A 492 21.92 6.29 20.57
N GLN A 493 22.64 5.65 21.45
CA GLN A 493 24.08 5.74 21.46
C GLN A 493 24.74 4.51 20.87
N SER A 494 24.16 3.36 21.17
CA SER A 494 24.71 2.09 20.73
C SER A 494 24.11 1.53 19.45
N MET A 495 22.83 1.77 19.20
CA MET A 495 22.16 1.27 17.98
C MET A 495 21.26 2.32 17.33
N PRO A 496 21.82 3.49 16.99
CA PRO A 496 21.03 4.56 16.39
C PRO A 496 20.26 4.11 15.17
N ASP A 497 20.85 3.22 14.37
CA ASP A 497 20.12 2.81 13.19
C ASP A 497 18.76 2.21 13.54
N ALA A 498 18.59 1.78 14.78
CA ALA A 498 17.34 1.17 15.25
C ALA A 498 16.24 2.21 15.54
N TRP A 499 16.64 3.48 15.46
CA TRP A 499 15.76 4.60 15.71
C TRP A 499 15.35 5.27 14.40
N GLY A 500 16.33 5.66 13.59
CA GLY A 500 16.09 6.32 12.32
C GLY A 500 15.41 5.41 11.31
N ILE A 501 15.68 4.12 11.45
CA ILE A 501 15.09 3.08 10.62
C ILE A 501 14.72 1.96 11.58
N ASP A 502 13.72 1.17 11.27
CA ASP A 502 13.40 0.08 12.18
C ASP A 502 14.43 -1.03 11.98
N GLN A 503 15.68 -0.74 12.30
CA GLN A 503 16.75 -1.72 12.14
C GLN A 503 16.61 -2.82 13.17
N LEU A 504 16.43 -4.04 12.68
CA LEU A 504 16.28 -5.20 13.53
C LEU A 504 17.63 -5.73 13.90
N PHE A 505 17.83 -5.95 15.20
CA PHE A 505 19.08 -6.48 15.68
C PHE A 505 18.75 -7.68 16.55
N PRO A 506 19.40 -8.82 16.30
CA PRO A 506 19.11 -10.00 17.11
C PRO A 506 19.56 -9.78 18.58
N VAL A 507 18.59 -9.79 19.50
CA VAL A 507 18.86 -9.59 20.92
C VAL A 507 18.48 -10.85 21.69
N LEU A 508 19.43 -11.39 22.45
CA LEU A 508 19.13 -12.59 23.22
C LEU A 508 20.00 -12.73 24.46
N PRO A 509 19.58 -13.55 25.43
CA PRO A 509 20.39 -13.72 26.64
C PRO A 509 21.64 -14.52 26.32
N LEU A 510 22.71 -14.27 27.06
CA LEU A 510 23.96 -14.96 26.82
C LEU A 510 23.99 -16.38 27.40
N GLU A 511 22.89 -16.82 28.02
CA GLU A 511 22.83 -18.16 28.59
C GLU A 511 21.41 -18.70 28.70
N GLY A 512 21.29 -20.00 28.96
CA GLY A 512 19.98 -20.60 29.09
C GLY A 512 19.28 -20.71 27.75
N LEU A 513 20.06 -20.67 26.68
CA LEU A 513 19.52 -20.74 25.32
C LEU A 513 19.13 -22.18 24.95
N ASP A 514 19.50 -23.11 25.83
CA ASP A 514 19.25 -24.53 25.64
C ASP A 514 17.82 -24.97 25.97
N GLN A 515 17.22 -24.31 26.97
CA GLN A 515 15.87 -24.61 27.41
C GLN A 515 14.79 -23.90 26.57
N VAL A 516 13.53 -24.18 26.90
CA VAL A 516 12.39 -23.62 26.20
C VAL A 516 11.86 -22.33 26.85
N PRO A 517 11.48 -21.32 26.05
CA PRO A 517 10.97 -20.07 26.62
C PRO A 517 9.88 -20.30 27.68
N GLU A 518 10.14 -19.81 28.89
CA GLU A 518 9.20 -19.95 29.99
C GLU A 518 8.43 -18.66 30.23
N ARG A 519 8.77 -17.61 29.49
CA ARG A 519 8.10 -16.33 29.64
C ARG A 519 8.57 -15.35 28.57
N ARG A 520 7.73 -14.36 28.27
CA ARG A 520 8.09 -13.36 27.28
C ARG A 520 8.54 -12.11 28.04
N ALA A 521 9.10 -11.13 27.34
CA ALA A 521 9.54 -9.87 27.96
C ALA A 521 9.88 -8.82 26.93
N VAL A 522 9.62 -7.56 27.28
CA VAL A 522 9.90 -6.42 26.42
C VAL A 522 11.06 -5.69 27.08
N LEU A 523 12.10 -5.35 26.33
CA LEU A 523 13.23 -4.69 26.96
C LEU A 523 13.46 -3.26 26.48
N LEU A 524 13.61 -2.34 27.43
CA LEU A 524 13.84 -0.93 27.13
C LEU A 524 15.08 -0.38 27.85
N ASP A 525 15.76 0.58 27.20
CA ASP A 525 16.99 1.20 27.75
C ASP A 525 16.72 2.15 28.91
N ILE A 526 17.78 2.65 29.55
CA ILE A 526 17.65 3.55 30.68
C ILE A 526 17.50 5.04 30.34
N THR A 527 16.92 5.30 29.17
CA THR A 527 16.70 6.66 28.71
C THR A 527 15.38 7.05 29.30
N CYS A 528 15.23 8.30 29.71
CA CYS A 528 13.96 8.75 30.29
C CYS A 528 12.86 8.89 29.23
N ASP A 529 13.26 8.71 27.98
CA ASP A 529 12.34 8.79 26.85
C ASP A 529 11.76 7.41 26.52
N SER A 530 10.44 7.31 26.56
CA SER A 530 9.73 6.07 26.28
C SER A 530 10.05 5.50 24.90
N ASP A 531 10.66 6.31 24.04
CA ASP A 531 11.03 5.87 22.68
C ASP A 531 12.32 5.06 22.71
N GLY A 532 12.85 4.82 23.91
CA GLY A 532 14.07 4.05 24.03
C GLY A 532 13.79 2.62 24.44
N ALA A 533 13.51 1.77 23.47
CA ALA A 533 13.22 0.38 23.73
C ALA A 533 13.29 -0.36 22.42
N ILE A 534 13.17 -1.68 22.46
CA ILE A 534 13.20 -2.49 21.25
C ILE A 534 11.76 -2.81 20.85
N ASP A 535 11.40 -2.44 19.63
CA ASP A 535 10.05 -2.65 19.13
C ASP A 535 9.78 -4.11 18.71
N HIS A 536 10.62 -4.66 17.83
CA HIS A 536 10.44 -6.03 17.37
C HIS A 536 11.60 -6.92 17.76
N TYR A 537 11.31 -8.21 17.89
CA TYR A 537 12.32 -9.20 18.25
C TYR A 537 12.25 -10.41 17.31
N ILE A 538 13.35 -11.13 17.19
CA ILE A 538 13.42 -12.31 16.31
C ILE A 538 12.63 -13.45 16.95
N ASP A 539 11.80 -14.13 16.16
CA ASP A 539 11.00 -15.24 16.66
C ASP A 539 10.77 -16.29 15.56
N GLY A 540 11.85 -16.95 15.15
CA GLY A 540 11.77 -17.96 14.12
C GLY A 540 11.13 -17.49 12.82
N ASP A 541 9.91 -17.95 12.57
CA ASP A 541 9.12 -17.60 11.39
C ASP A 541 9.20 -16.09 11.09
N GLY A 542 8.67 -15.30 12.02
CA GLY A 542 8.66 -13.85 11.86
C GLY A 542 9.08 -13.11 13.13
N ILE A 543 8.85 -11.79 13.12
CA ILE A 543 9.20 -10.94 14.25
C ILE A 543 7.99 -10.71 15.18
N ALA A 544 8.23 -10.79 16.49
CA ALA A 544 7.21 -10.62 17.52
C ALA A 544 7.47 -9.31 18.25
N THR A 545 6.41 -8.78 18.85
CA THR A 545 6.50 -7.53 19.61
C THR A 545 7.11 -7.78 20.99
N THR A 546 7.23 -9.05 21.35
CA THR A 546 7.81 -9.41 22.64
C THR A 546 8.96 -10.39 22.41
N MET A 547 9.87 -10.45 23.39
CA MET A 547 11.04 -11.31 23.32
C MET A 547 10.91 -12.51 24.27
N PRO A 548 11.18 -13.73 23.78
CA PRO A 548 11.09 -14.93 24.62
C PRO A 548 12.31 -15.09 25.53
N MET A 549 12.10 -15.23 26.84
CA MET A 549 13.23 -15.39 27.75
C MET A 549 13.18 -16.71 28.53
N PRO A 550 14.35 -17.28 28.84
CA PRO A 550 14.45 -18.54 29.59
C PRO A 550 14.09 -18.28 31.06
N GLU A 551 13.76 -19.34 31.79
CA GLU A 551 13.42 -19.21 33.20
C GLU A 551 14.65 -18.67 33.94
N TYR A 552 14.59 -17.42 34.36
CA TYR A 552 15.71 -16.81 35.05
C TYR A 552 15.30 -16.27 36.41
N ASP A 553 16.30 -16.02 37.25
CA ASP A 553 16.06 -15.50 38.59
C ASP A 553 15.93 -13.98 38.48
N PRO A 554 14.74 -13.41 38.80
CA PRO A 554 14.58 -11.96 38.71
C PRO A 554 15.53 -11.17 39.63
N GLU A 555 16.04 -11.86 40.65
CA GLU A 555 16.95 -11.26 41.62
C GLU A 555 18.36 -11.21 41.05
N ASN A 556 18.65 -12.11 40.12
CA ASN A 556 19.96 -12.19 39.49
C ASN A 556 19.90 -12.57 38.01
N PRO A 557 19.41 -11.64 37.16
CA PRO A 557 19.29 -11.88 35.73
C PRO A 557 20.61 -12.08 34.98
N PRO A 558 20.52 -12.56 33.73
CA PRO A 558 21.69 -12.80 32.89
C PRO A 558 22.15 -11.53 32.13
N MET A 559 23.14 -11.71 31.26
CA MET A 559 23.64 -10.60 30.44
C MET A 559 22.91 -10.65 29.11
N LEU A 560 22.85 -9.51 28.44
CA LEU A 560 22.18 -9.43 27.17
C LEU A 560 23.17 -9.12 26.06
N GLY A 561 22.94 -9.72 24.91
CA GLY A 561 23.82 -9.50 23.77
C GLY A 561 23.09 -8.99 22.55
N PHE A 562 23.64 -7.93 21.95
CA PHE A 562 23.06 -7.33 20.75
C PHE A 562 24.05 -7.65 19.63
N PHE A 563 23.61 -8.41 18.63
CA PHE A 563 24.51 -8.81 17.54
C PHE A 563 24.29 -8.08 16.22
N MET A 564 25.19 -8.29 15.25
CA MET A 564 25.05 -7.66 13.94
C MET A 564 25.10 -6.14 14.06
N VAL A 565 25.58 -5.68 15.20
CA VAL A 565 25.64 -4.26 15.43
C VAL A 565 27.03 -3.73 15.11
N GLY A 566 27.49 -4.01 13.90
CA GLY A 566 28.81 -3.59 13.49
C GLY A 566 28.93 -2.42 12.54
N ALA A 567 28.03 -2.34 11.56
CA ALA A 567 28.08 -1.25 10.58
C ALA A 567 27.11 -0.11 10.86
N TYR A 568 27.55 1.11 10.58
CA TYR A 568 26.73 2.30 10.78
C TYR A 568 26.31 2.49 12.23
N GLN A 569 27.00 1.84 13.15
CA GLN A 569 26.64 1.95 14.57
C GLN A 569 27.63 2.68 15.46
N GLU A 570 28.72 2.00 15.83
CA GLU A 570 29.72 2.59 16.72
C GLU A 570 29.85 4.09 16.74
N ILE A 571 30.40 4.64 15.67
CA ILE A 571 30.57 6.08 15.63
C ILE A 571 29.44 6.82 14.93
N LEU A 572 28.22 6.69 15.43
CA LEU A 572 27.09 7.37 14.80
C LEU A 572 25.91 7.51 15.76
N GLY A 573 26.19 7.34 17.04
CA GLY A 573 25.17 7.48 18.04
C GLY A 573 25.23 8.91 18.59
N ASN A 574 24.13 9.37 19.16
CA ASN A 574 24.08 10.71 19.74
C ASN A 574 23.85 10.61 21.24
N MET A 575 24.49 11.49 22.00
CA MET A 575 24.37 11.51 23.46
C MET A 575 22.98 11.97 23.93
N HIS A 576 21.97 11.10 23.89
CA HIS A 576 20.62 11.50 24.29
C HIS A 576 20.59 12.15 25.66
N ASN A 577 20.50 11.39 26.73
CA ASN A 577 20.48 12.05 28.03
C ASN A 577 21.89 12.26 28.54
N LEU A 578 22.77 12.68 27.65
CA LEU A 578 24.18 12.91 27.98
C LEU A 578 24.89 11.60 28.27
N PHE A 579 24.46 10.53 27.60
CA PHE A 579 25.08 9.22 27.76
C PHE A 579 26.14 9.11 26.68
N GLY A 580 27.39 8.97 27.09
CA GLY A 580 28.49 8.90 26.14
C GLY A 580 28.78 7.53 25.56
N ASP A 581 29.86 7.47 24.79
CA ASP A 581 30.28 6.24 24.16
C ASP A 581 30.49 5.11 25.14
N THR A 582 30.00 3.94 24.76
CA THR A 582 30.18 2.77 25.61
C THR A 582 31.64 2.36 25.44
N GLU A 583 32.11 1.53 26.36
CA GLU A 583 33.47 1.06 26.30
C GLU A 583 33.53 -0.07 25.29
N ALA A 584 34.68 -0.24 24.65
CA ALA A 584 34.84 -1.28 23.65
C ALA A 584 36.12 -2.05 23.93
N VAL A 585 36.10 -3.35 23.60
CA VAL A 585 37.26 -4.21 23.79
C VAL A 585 37.38 -5.13 22.59
N ASP A 586 38.62 -5.47 22.26
CA ASP A 586 38.89 -6.36 21.14
C ASP A 586 39.23 -7.71 21.74
N VAL A 587 38.47 -8.72 21.33
CA VAL A 587 38.69 -10.06 21.84
C VAL A 587 39.32 -10.93 20.77
N PHE A 588 40.32 -11.70 21.17
CA PHE A 588 41.01 -12.61 20.25
C PHE A 588 40.96 -14.04 20.74
N VAL A 589 40.90 -14.98 19.81
CA VAL A 589 40.84 -16.39 20.17
C VAL A 589 41.82 -17.11 19.27
N PHE A 590 42.82 -17.77 19.86
CA PHE A 590 43.79 -18.49 19.05
C PHE A 590 43.52 -19.98 19.01
N PRO A 591 44.10 -20.69 18.01
CA PRO A 591 43.90 -22.15 17.90
C PRO A 591 44.56 -22.78 19.12
N ASP A 592 45.46 -21.99 19.70
CA ASP A 592 46.21 -22.33 20.90
C ASP A 592 45.23 -22.68 22.03
N GLY A 593 44.16 -21.90 22.13
CA GLY A 593 43.17 -22.11 23.17
C GLY A 593 43.14 -20.86 24.05
N SER A 594 44.19 -20.05 23.98
CA SER A 594 44.28 -18.83 24.77
C SER A 594 43.33 -17.76 24.21
N VAL A 595 42.97 -16.80 25.07
CA VAL A 595 42.08 -15.70 24.70
C VAL A 595 42.66 -14.34 25.13
N GLU A 596 42.92 -13.46 24.16
CA GLU A 596 43.44 -12.14 24.48
C GLU A 596 42.28 -11.17 24.37
N VAL A 597 42.22 -10.25 25.32
CA VAL A 597 41.16 -9.25 25.37
C VAL A 597 41.76 -7.91 25.72
N GLU A 598 42.25 -7.17 24.73
CA GLU A 598 42.83 -5.87 25.01
C GLU A 598 41.80 -4.75 24.86
N LEU A 599 42.02 -3.64 25.56
CA LEU A 599 41.14 -2.47 25.52
C LEU A 599 41.13 -1.85 24.12
N SER A 600 39.96 -1.42 23.68
CA SER A 600 39.85 -0.80 22.37
C SER A 600 39.38 0.65 22.44
N ASP A 601 38.47 0.92 23.37
CA ASP A 601 37.94 2.27 23.55
C ASP A 601 37.73 2.63 25.00
N GLU A 602 38.09 3.87 25.33
CA GLU A 602 38.00 4.41 26.67
C GLU A 602 36.60 4.51 27.25
N GLY A 603 35.68 5.12 26.52
CA GLY A 603 34.33 5.25 27.05
C GLY A 603 34.18 6.54 27.84
N ASP A 604 33.35 7.44 27.31
CA ASP A 604 33.09 8.74 27.90
C ASP A 604 32.67 8.68 29.34
N THR A 605 32.98 9.76 30.06
CA THR A 605 32.64 9.92 31.48
C THR A 605 31.79 11.18 31.59
N VAL A 606 31.05 11.28 32.69
CA VAL A 606 30.21 12.44 32.94
C VAL A 606 30.97 13.71 32.61
N ALA A 607 32.24 13.75 33.02
CA ALA A 607 33.07 14.92 32.79
C ALA A 607 33.20 15.25 31.31
N ASP A 608 33.40 14.22 30.48
CA ASP A 608 33.54 14.40 29.02
C ASP A 608 32.30 15.04 28.45
N MET A 609 31.15 14.53 28.87
CA MET A 609 29.87 15.03 28.41
C MET A 609 29.69 16.51 28.80
N LEU A 610 29.99 16.86 30.04
CA LEU A 610 29.83 18.25 30.49
C LEU A 610 30.71 19.23 29.71
N GLN A 611 31.78 18.71 29.13
CA GLN A 611 32.72 19.50 28.32
C GLN A 611 32.04 19.92 27.02
N TYR A 612 31.27 19.00 26.47
CA TYR A 612 30.55 19.21 25.23
C TYR A 612 29.53 20.34 25.36
N VAL A 613 28.80 20.36 26.46
CA VAL A 613 27.81 21.40 26.67
C VAL A 613 28.45 22.64 27.31
N GLN A 614 29.77 22.72 27.15
CA GLN A 614 30.61 23.80 27.68
C GLN A 614 30.46 24.05 29.16
N LEU A 615 31.09 23.24 29.97
CA LEU A 615 30.96 23.45 31.40
C LEU A 615 32.30 23.39 32.12
N ASP A 616 33.22 22.58 31.61
CA ASP A 616 34.54 22.43 32.23
C ASP A 616 34.40 21.86 33.65
N PRO A 617 34.76 20.59 33.83
CA PRO A 617 34.68 19.92 35.13
C PRO A 617 35.54 20.54 36.24
N LYS A 618 36.79 20.89 35.91
CA LYS A 618 37.72 21.49 36.85
C LYS A 618 37.10 22.66 37.61
N THR A 619 36.61 23.65 36.88
CA THR A 619 35.99 24.83 37.50
C THR A 619 34.66 24.47 38.21
N LEU A 620 34.11 23.31 37.89
CA LEU A 620 32.85 22.86 38.50
C LEU A 620 33.12 22.19 39.86
N LEU A 621 34.28 21.55 39.95
CA LEU A 621 34.73 20.86 41.16
C LEU A 621 34.90 21.87 42.29
N THR A 622 35.67 22.93 42.02
CA THR A 622 35.92 23.98 42.98
C THR A 622 34.62 24.66 43.39
N GLN A 623 33.67 24.84 42.47
CA GLN A 623 32.41 25.47 42.85
C GLN A 623 31.63 24.65 43.88
N PHE A 624 31.92 23.35 43.92
CA PHE A 624 31.28 22.44 44.85
C PHE A 624 32.07 22.48 46.14
N ARG A 625 33.39 22.55 46.01
CA ARG A 625 34.29 22.62 47.14
C ARG A 625 33.85 23.78 48.08
N ASP A 626 33.32 24.86 47.49
CA ASP A 626 32.87 26.01 48.26
C ASP A 626 31.50 25.81 48.92
N GLN A 627 30.53 25.36 48.14
CA GLN A 627 29.18 25.14 48.65
C GLN A 627 29.20 24.12 49.79
N VAL A 628 30.15 23.19 49.74
CA VAL A 628 30.23 22.18 50.80
C VAL A 628 30.90 22.71 52.06
N LYS A 629 31.60 23.84 51.98
CA LYS A 629 32.25 24.43 53.15
C LYS A 629 31.21 25.19 53.99
N LYS A 630 30.18 25.68 53.31
CA LYS A 630 29.10 26.41 53.94
C LYS A 630 27.97 25.42 54.29
N THR A 631 28.33 24.15 54.44
CA THR A 631 27.35 23.11 54.76
C THR A 631 27.02 23.12 56.24
N ASP A 632 27.89 23.72 57.04
CA ASP A 632 27.65 23.83 58.48
C ASP A 632 27.71 22.43 59.10
N LEU A 633 28.14 21.45 58.32
CA LEU A 633 28.22 20.08 58.81
C LEU A 633 29.67 19.68 59.08
N ASP A 634 29.85 18.62 59.87
CA ASP A 634 31.17 18.12 60.23
C ASP A 634 32.13 17.99 59.05
N ALA A 635 33.41 17.79 59.34
CA ALA A 635 34.43 17.64 58.30
C ALA A 635 34.49 16.20 57.80
N GLU A 636 33.96 15.28 58.60
CA GLU A 636 33.91 13.85 58.28
C GLU A 636 33.06 13.61 57.04
N LEU A 637 31.82 14.10 57.10
CA LEU A 637 30.87 13.96 56.02
C LEU A 637 31.18 14.99 54.91
N GLN A 638 31.54 16.21 55.29
CA GLN A 638 31.83 17.25 54.31
C GLN A 638 32.87 16.85 53.26
N GLN A 639 33.81 15.98 53.65
CA GLN A 639 34.83 15.56 52.70
C GLN A 639 34.42 14.31 51.92
N GLN A 640 33.72 13.37 52.55
CA GLN A 640 33.28 12.18 51.85
C GLN A 640 32.23 12.55 50.77
N PHE A 641 31.99 13.85 50.62
CA PHE A 641 31.02 14.35 49.62
C PHE A 641 31.75 14.76 48.35
N LEU A 642 32.92 15.38 48.48
CA LEU A 642 33.69 15.75 47.31
C LEU A 642 34.24 14.47 46.72
N GLU A 643 34.20 13.41 47.52
CA GLU A 643 34.67 12.11 47.06
C GLU A 643 33.57 11.56 46.15
N GLU A 644 32.36 11.48 46.70
CA GLU A 644 31.18 10.99 46.00
C GLU A 644 30.96 11.81 44.73
N PHE A 645 31.05 13.13 44.87
CA PHE A 645 30.87 14.03 43.74
C PHE A 645 31.90 13.82 42.66
N GLU A 646 33.17 13.98 43.02
CA GLU A 646 34.26 13.82 42.07
C GLU A 646 34.29 12.43 41.46
N ALA A 647 33.88 11.44 42.25
CA ALA A 647 33.83 10.06 41.77
C ALA A 647 32.89 9.99 40.57
N GLY A 648 31.64 10.41 40.77
CA GLY A 648 30.65 10.38 39.71
C GLY A 648 30.91 11.38 38.60
N LEU A 649 31.69 12.41 38.91
CA LEU A 649 32.03 13.43 37.95
C LEU A 649 32.99 12.90 36.88
N TYR A 650 34.01 12.15 37.32
CA TYR A 650 34.97 11.58 36.39
C TYR A 650 34.73 10.10 36.17
N GLY A 651 33.56 9.64 36.59
CA GLY A 651 33.23 8.25 36.41
C GLY A 651 32.44 7.97 35.14
N TYR A 652 32.31 6.69 34.82
CA TYR A 652 31.58 6.27 33.62
C TYR A 652 30.30 7.08 33.51
N THR A 653 29.70 7.07 32.33
CA THR A 653 28.48 7.82 32.10
C THR A 653 27.23 7.01 32.48
N TYR A 654 27.32 5.68 32.38
CA TYR A 654 26.18 4.83 32.69
C TYR A 654 25.93 4.56 34.17
N LEU A 655 24.91 3.73 34.42
CA LEU A 655 24.48 3.40 35.76
C LEU A 655 25.10 2.15 36.31
N GLU A 656 25.08 2.05 37.65
CA GLU A 656 25.60 0.95 38.44
C GLU A 656 24.48 -0.01 38.81
N ASP A 657 24.77 -1.32 38.79
CA ASP A 657 23.75 -2.33 39.12
C ASP A 657 23.26 -2.29 40.56
N GLU A 658 21.99 -1.92 40.71
CA GLU A 658 21.35 -1.80 42.01
C GLU A 658 20.31 -2.90 42.21
N LEU A 659 20.23 -3.43 43.44
CA LEU A 659 19.27 -4.49 43.75
C LEU A 659 17.81 -4.00 43.90
N GLU A 660 17.19 -3.73 42.75
CA GLU A 660 15.79 -3.24 42.61
C GLU A 660 15.09 -4.02 41.49
N HIS A 661 15.65 -5.18 41.15
CA HIS A 661 15.10 -6.04 40.09
C HIS A 661 13.73 -6.59 40.53
N LYS B 34 -21.41 28.17 -10.74
CA LYS B 34 -20.17 27.44 -10.33
C LYS B 34 -20.49 25.97 -10.01
N MET B 35 -21.78 25.63 -9.89
CA MET B 35 -22.20 24.25 -9.57
C MET B 35 -22.18 23.30 -10.76
N LEU B 36 -22.27 23.86 -11.97
CA LEU B 36 -22.23 23.07 -13.19
C LEU B 36 -20.74 22.78 -13.50
N ARG B 37 -19.85 23.55 -12.85
CA ARG B 37 -18.41 23.42 -13.02
C ARG B 37 -17.87 22.46 -11.97
N THR B 38 -18.50 22.42 -10.80
CA THR B 38 -18.07 21.54 -9.71
C THR B 38 -18.60 20.12 -9.88
N TYR B 39 -19.48 19.94 -10.86
CA TYR B 39 -20.08 18.65 -11.17
C TYR B 39 -19.42 18.04 -12.40
N ASN B 40 -18.56 18.83 -13.03
CA ASN B 40 -17.84 18.39 -14.22
C ASN B 40 -18.74 17.94 -15.34
N ILE B 41 -20.00 18.39 -15.35
CA ILE B 41 -20.91 17.97 -16.39
C ILE B 41 -20.31 18.12 -17.77
N ALA B 42 -19.63 19.25 -17.99
CA ALA B 42 -19.00 19.50 -19.28
C ALA B 42 -18.00 18.41 -19.70
N TRP B 43 -17.33 17.78 -18.74
CA TRP B 43 -16.34 16.75 -19.02
C TRP B 43 -16.85 15.33 -19.24
N TRP B 44 -17.64 14.79 -18.31
CA TRP B 44 -18.18 13.45 -18.50
C TRP B 44 -19.47 13.49 -19.30
N GLY B 45 -19.94 14.70 -19.61
CA GLY B 45 -21.17 14.85 -20.36
C GLY B 45 -21.05 14.58 -21.85
N ASN B 46 -19.83 14.61 -22.37
CA ASN B 46 -19.60 14.36 -23.79
C ASN B 46 -20.61 15.03 -24.73
N ASN B 47 -21.10 16.21 -24.34
CA ASN B 47 -22.05 16.98 -25.14
C ASN B 47 -23.46 16.39 -25.22
N TYR B 48 -23.70 15.32 -24.48
CA TYR B 48 -25.01 14.72 -24.46
C TYR B 48 -25.78 15.41 -23.37
N TYR B 49 -25.14 15.60 -22.22
CA TYR B 49 -25.81 16.29 -21.13
C TYR B 49 -25.17 17.66 -20.83
N ASP B 50 -26.01 18.61 -20.44
CA ASP B 50 -25.54 19.95 -20.15
C ASP B 50 -26.65 20.79 -19.51
N VAL B 51 -26.28 21.78 -18.70
CA VAL B 51 -27.26 22.65 -18.06
C VAL B 51 -27.67 23.77 -18.99
N ASN B 52 -28.95 23.79 -19.36
CA ASN B 52 -29.47 24.82 -20.26
C ASN B 52 -29.46 26.21 -19.64
N GLU B 53 -29.83 27.18 -20.48
CA GLU B 53 -29.87 28.60 -20.12
C GLU B 53 -31.06 28.84 -19.19
N LEU B 54 -31.29 27.91 -18.26
CA LEU B 54 -32.42 28.04 -17.35
C LEU B 54 -32.16 27.35 -16.03
N GLY B 55 -30.93 26.88 -15.84
CA GLY B 55 -30.58 26.21 -14.60
C GLY B 55 -30.89 24.71 -14.63
N HIS B 56 -31.82 24.31 -15.49
CA HIS B 56 -32.19 22.90 -15.62
C HIS B 56 -31.20 22.15 -16.47
N ILE B 57 -31.12 20.84 -16.26
CA ILE B 57 -30.19 20.00 -17.00
C ILE B 57 -30.90 19.49 -18.28
N SER B 58 -30.37 19.86 -19.44
CA SER B 58 -30.96 19.43 -20.70
C SER B 58 -30.10 18.37 -21.34
N VAL B 59 -30.70 17.57 -22.21
CA VAL B 59 -30.00 16.49 -22.91
C VAL B 59 -30.19 16.59 -24.43
N CYS B 60 -29.07 16.41 -25.13
CA CYS B 60 -29.01 16.47 -26.58
C CYS B 60 -28.54 15.10 -27.04
N PRO B 61 -29.48 14.14 -27.16
CA PRO B 61 -29.22 12.77 -27.59
C PRO B 61 -28.37 12.63 -28.84
N ASP B 62 -28.39 13.63 -29.70
CA ASP B 62 -27.58 13.57 -30.91
C ASP B 62 -26.91 14.90 -31.09
N PRO B 63 -25.66 15.00 -30.64
CA PRO B 63 -24.89 16.24 -30.76
C PRO B 63 -24.51 16.67 -32.18
N ASP B 64 -24.96 15.92 -33.18
CA ASP B 64 -24.70 16.27 -34.60
C ASP B 64 -25.68 17.41 -34.96
N VAL B 65 -26.73 17.52 -34.15
CA VAL B 65 -27.75 18.54 -34.30
C VAL B 65 -27.91 19.20 -32.93
N PRO B 66 -26.94 20.04 -32.53
CA PRO B 66 -26.91 20.75 -31.26
C PRO B 66 -28.15 21.55 -30.85
N GLU B 67 -29.05 21.78 -31.79
CA GLU B 67 -30.26 22.54 -31.53
C GLU B 67 -31.41 21.62 -31.09
N ALA B 68 -31.15 20.31 -31.10
CA ALA B 68 -32.16 19.34 -30.68
C ALA B 68 -31.90 18.92 -29.24
N ARG B 69 -32.29 19.78 -28.30
CA ARG B 69 -32.08 19.52 -26.89
C ARG B 69 -33.43 19.27 -26.21
N VAL B 70 -33.39 18.84 -24.95
CA VAL B 70 -34.59 18.61 -24.14
C VAL B 70 -34.36 18.92 -22.67
N ASP B 71 -35.25 19.74 -22.12
CA ASP B 71 -35.15 20.10 -20.71
C ASP B 71 -35.53 18.82 -19.95
N LEU B 72 -34.53 18.12 -19.43
CA LEU B 72 -34.80 16.86 -18.71
C LEU B 72 -35.70 17.07 -17.50
N ALA B 73 -35.49 18.15 -16.76
CA ALA B 73 -36.30 18.46 -15.59
C ALA B 73 -37.75 18.70 -16.00
N GLN B 74 -37.94 19.46 -17.08
CA GLN B 74 -39.30 19.74 -17.55
C GLN B 74 -40.01 18.48 -18.01
N LEU B 75 -39.29 17.66 -18.75
CA LEU B 75 -39.84 16.40 -19.24
C LEU B 75 -40.30 15.51 -18.09
N VAL B 76 -39.51 15.46 -17.03
CA VAL B 76 -39.85 14.65 -15.86
C VAL B 76 -41.15 15.19 -15.25
N LYS B 77 -41.17 16.47 -14.89
CA LYS B 77 -42.36 17.10 -14.30
C LYS B 77 -43.58 16.85 -15.17
N THR B 78 -43.42 17.02 -16.48
CA THR B 78 -44.49 16.80 -17.44
C THR B 78 -45.08 15.40 -17.26
N ARG B 79 -44.24 14.39 -17.44
CA ARG B 79 -44.65 13.00 -17.30
C ARG B 79 -45.11 12.69 -15.88
N GLU B 80 -44.47 13.35 -14.93
CA GLU B 80 -44.79 13.18 -13.52
C GLU B 80 -46.29 13.47 -13.30
N ALA B 81 -46.69 14.71 -13.53
CA ALA B 81 -48.09 15.11 -13.36
C ALA B 81 -49.04 14.42 -14.34
N GLN B 82 -48.48 13.73 -15.32
CA GLN B 82 -49.28 13.04 -16.31
C GLN B 82 -49.54 11.59 -15.90
N GLY B 83 -49.00 11.22 -14.73
CA GLY B 83 -49.17 9.88 -14.19
C GLY B 83 -48.01 8.89 -14.32
N GLN B 84 -46.78 9.38 -14.49
CA GLN B 84 -45.61 8.51 -14.63
C GLN B 84 -45.19 7.92 -13.29
N ARG B 85 -44.69 6.69 -13.30
CA ARG B 85 -44.25 6.01 -12.07
C ARG B 85 -43.00 6.67 -11.48
N LEU B 86 -42.92 6.67 -10.15
CA LEU B 86 -41.82 7.29 -9.42
C LEU B 86 -40.39 6.96 -9.94
N PRO B 87 -39.66 5.99 -9.34
CA PRO B 87 -38.31 5.74 -9.90
C PRO B 87 -38.35 5.24 -11.35
N ALA B 88 -37.89 6.08 -12.25
CA ALA B 88 -37.90 5.81 -13.68
C ALA B 88 -36.54 5.84 -14.33
N LEU B 89 -36.42 5.04 -15.37
CA LEU B 89 -35.18 4.95 -16.11
C LEU B 89 -35.35 5.53 -17.52
N PHE B 90 -34.87 6.75 -17.74
CA PHE B 90 -34.96 7.40 -19.07
C PHE B 90 -33.78 7.06 -19.93
N CYS B 91 -34.04 6.44 -21.08
CA CYS B 91 -32.99 6.06 -22.02
C CYS B 91 -33.11 6.77 -23.36
N PHE B 92 -32.00 7.26 -23.88
CA PHE B 92 -32.00 7.93 -25.18
C PHE B 92 -31.26 7.05 -26.16
N PRO B 93 -31.97 6.13 -26.82
CA PRO B 93 -31.31 5.24 -27.77
C PRO B 93 -30.53 5.97 -28.86
N GLN B 94 -30.82 7.25 -29.06
CA GLN B 94 -30.11 8.03 -30.06
C GLN B 94 -28.65 8.19 -29.65
N ILE B 95 -28.42 8.20 -28.35
CA ILE B 95 -27.07 8.31 -27.82
C ILE B 95 -26.28 7.06 -28.15
N LEU B 96 -26.92 5.90 -28.07
CA LEU B 96 -26.24 4.66 -28.38
C LEU B 96 -25.70 4.72 -29.79
N GLN B 97 -26.53 5.18 -30.70
CA GLN B 97 -26.13 5.25 -32.09
C GLN B 97 -25.04 6.28 -32.30
N HIS B 98 -25.24 7.49 -31.78
CA HIS B 98 -24.21 8.50 -31.94
C HIS B 98 -22.86 8.05 -31.37
N ARG B 99 -22.89 7.42 -30.19
CA ARG B 99 -21.69 6.92 -29.54
C ARG B 99 -20.96 5.92 -30.43
N LEU B 100 -21.73 5.01 -31.01
CA LEU B 100 -21.18 4.01 -31.91
C LEU B 100 -20.53 4.72 -33.11
N ARG B 101 -21.25 5.66 -33.71
CA ARG B 101 -20.75 6.40 -34.88
C ARG B 101 -19.47 7.16 -34.55
N SER B 102 -19.36 7.59 -33.29
CA SER B 102 -18.20 8.33 -32.80
C SER B 102 -16.92 7.52 -32.69
N ILE B 103 -17.01 6.31 -32.16
CA ILE B 103 -15.83 5.48 -32.02
C ILE B 103 -15.41 5.00 -33.40
N ASN B 104 -16.38 4.71 -34.26
CA ASN B 104 -16.05 4.26 -35.61
C ASN B 104 -15.30 5.38 -36.34
N ALA B 105 -15.75 6.61 -36.12
CA ALA B 105 -15.14 7.79 -36.71
C ALA B 105 -13.75 7.97 -36.16
N ALA B 106 -13.58 7.70 -34.88
CA ALA B 106 -12.28 7.83 -34.25
C ALA B 106 -11.28 6.84 -34.86
N PHE B 107 -11.73 5.62 -35.12
CA PHE B 107 -10.86 4.62 -35.72
C PHE B 107 -10.65 4.92 -37.19
N LYS B 108 -11.55 5.70 -37.77
CA LYS B 108 -11.42 6.07 -39.17
C LYS B 108 -10.41 7.22 -39.21
N ARG B 109 -10.56 8.17 -38.30
CA ARG B 109 -9.65 9.30 -38.25
C ARG B 109 -8.20 8.84 -38.07
N ALA B 110 -8.03 7.60 -37.62
CA ALA B 110 -6.69 7.03 -37.39
C ALA B 110 -6.26 6.08 -38.50
N ARG B 111 -7.19 5.39 -39.12
CA ARG B 111 -6.84 4.47 -40.19
C ARG B 111 -6.21 5.23 -41.35
N GLU B 112 -6.80 6.35 -41.70
CA GLU B 112 -6.31 7.15 -42.81
C GLU B 112 -5.04 7.87 -42.42
N SER B 113 -5.07 8.50 -41.26
CA SER B 113 -3.91 9.22 -40.76
C SER B 113 -2.64 8.35 -40.75
N TYR B 114 -2.79 7.04 -40.60
CA TYR B 114 -1.63 6.16 -40.58
C TYR B 114 -1.38 5.58 -41.96
N GLY B 115 -2.45 5.13 -42.59
CA GLY B 115 -2.35 4.52 -43.92
C GLY B 115 -2.74 3.07 -43.82
N TYR B 116 -3.59 2.76 -42.83
CA TYR B 116 -4.06 1.39 -42.59
C TYR B 116 -5.06 0.96 -43.68
N ASN B 117 -4.78 -0.18 -44.33
CA ASN B 117 -5.63 -0.70 -45.41
C ASN B 117 -6.66 -1.73 -44.94
N GLY B 118 -6.84 -1.83 -43.63
CA GLY B 118 -7.80 -2.79 -43.09
C GLY B 118 -9.10 -2.14 -42.67
N ASP B 119 -10.13 -2.95 -42.53
CA ASP B 119 -11.45 -2.45 -42.15
C ASP B 119 -11.53 -2.47 -40.65
N TYR B 120 -12.50 -1.76 -40.10
CA TYR B 120 -12.68 -1.75 -38.67
C TYR B 120 -14.14 -1.68 -38.27
N PHE B 121 -14.55 -2.59 -37.38
CA PHE B 121 -15.91 -2.57 -36.87
C PHE B 121 -16.00 -3.09 -35.44
N LEU B 122 -16.91 -2.49 -34.70
CA LEU B 122 -17.13 -2.82 -33.30
C LEU B 122 -17.98 -4.08 -33.15
N VAL B 123 -17.68 -4.86 -32.12
CA VAL B 123 -18.46 -6.05 -31.87
C VAL B 123 -18.99 -6.00 -30.44
N TYR B 124 -20.19 -5.46 -30.30
CA TYR B 124 -20.82 -5.31 -28.99
C TYR B 124 -21.07 -6.60 -28.21
N PRO B 125 -20.40 -6.77 -27.05
CA PRO B 125 -20.54 -7.94 -26.20
C PRO B 125 -21.82 -7.81 -25.38
N ILE B 126 -22.80 -8.64 -25.72
CA ILE B 126 -24.09 -8.63 -25.05
C ILE B 126 -23.91 -8.53 -23.54
N LYS B 127 -22.87 -9.18 -23.02
CA LYS B 127 -22.62 -9.19 -21.58
C LYS B 127 -22.92 -7.88 -20.85
N VAL B 128 -22.50 -6.74 -21.40
CA VAL B 128 -22.70 -5.44 -20.75
C VAL B 128 -24.13 -4.91 -20.69
N ASN B 129 -25.04 -5.56 -21.40
CA ASN B 129 -26.42 -5.13 -21.42
C ASN B 129 -27.07 -5.93 -22.53
N GLN B 130 -27.98 -6.82 -22.16
CA GLN B 130 -28.64 -7.67 -23.13
C GLN B 130 -29.98 -7.07 -23.58
N HIS B 131 -30.38 -5.98 -22.96
CA HIS B 131 -31.67 -5.36 -23.26
C HIS B 131 -31.96 -5.10 -24.72
N ARG B 132 -33.16 -5.50 -25.14
CA ARG B 132 -33.60 -5.32 -26.52
C ARG B 132 -33.22 -3.93 -27.04
N ARG B 133 -33.54 -2.89 -26.27
CA ARG B 133 -33.23 -1.53 -26.69
C ARG B 133 -31.82 -1.32 -27.21
N VAL B 134 -30.84 -1.78 -26.44
CA VAL B 134 -29.45 -1.64 -26.83
C VAL B 134 -29.14 -2.46 -28.07
N ILE B 135 -29.34 -3.78 -27.98
CA ILE B 135 -29.05 -4.65 -29.11
C ILE B 135 -29.68 -4.09 -30.37
N GLU B 136 -30.95 -3.70 -30.28
CA GLU B 136 -31.64 -3.16 -31.44
C GLU B 136 -31.08 -1.83 -31.93
N SER B 137 -31.03 -0.84 -31.06
CA SER B 137 -30.52 0.48 -31.47
C SER B 137 -29.21 0.40 -32.24
N LEU B 138 -28.34 -0.52 -31.85
CA LEU B 138 -27.05 -0.70 -32.49
C LEU B 138 -27.21 -1.32 -33.86
N ILE B 139 -27.89 -2.47 -33.91
CA ILE B 139 -28.16 -3.17 -35.17
C ILE B 139 -28.80 -2.21 -36.17
N HIS B 140 -29.90 -1.58 -35.75
CA HIS B 140 -30.63 -0.63 -36.59
C HIS B 140 -29.93 0.70 -36.78
N SER B 141 -28.62 0.65 -36.88
CA SER B 141 -27.87 1.87 -37.11
C SER B 141 -27.21 1.76 -38.46
N GLY B 142 -26.48 2.80 -38.85
CA GLY B 142 -25.83 2.77 -40.14
C GLY B 142 -24.45 2.15 -40.11
N GLU B 143 -23.85 2.11 -38.92
CA GLU B 143 -22.50 1.57 -38.75
C GLU B 143 -22.48 0.05 -38.72
N PRO B 144 -21.37 -0.56 -39.22
CA PRO B 144 -21.22 -2.01 -39.25
C PRO B 144 -20.83 -2.52 -37.86
N LEU B 145 -21.52 -3.55 -37.36
CA LEU B 145 -21.18 -4.09 -36.04
C LEU B 145 -21.50 -5.57 -35.87
N GLY B 146 -20.83 -6.18 -34.89
CA GLY B 146 -21.02 -7.58 -34.61
C GLY B 146 -21.54 -7.81 -33.20
N LEU B 147 -21.79 -9.07 -32.84
CA LEU B 147 -22.30 -9.36 -31.52
C LEU B 147 -21.49 -10.46 -30.86
N GLU B 148 -21.12 -10.26 -29.60
CA GLU B 148 -20.35 -11.27 -28.88
C GLU B 148 -21.16 -11.90 -27.76
N ALA B 149 -21.13 -13.23 -27.70
CA ALA B 149 -21.87 -13.97 -26.68
C ALA B 149 -20.91 -14.65 -25.71
N GLY B 150 -21.13 -14.41 -24.42
CA GLY B 150 -20.28 -15.01 -23.42
C GLY B 150 -20.81 -16.31 -22.82
N SER B 151 -21.87 -16.86 -23.40
CA SER B 151 -22.43 -18.10 -22.89
C SER B 151 -23.44 -18.63 -23.89
N LYS B 152 -23.91 -19.85 -23.69
CA LYS B 152 -24.87 -20.40 -24.63
C LYS B 152 -26.14 -19.56 -24.61
N ALA B 153 -26.60 -19.18 -23.42
CA ALA B 153 -27.80 -18.38 -23.27
C ALA B 153 -27.71 -17.09 -24.08
N GLU B 154 -26.58 -16.39 -23.98
CA GLU B 154 -26.43 -15.15 -24.73
C GLU B 154 -26.43 -15.44 -26.24
N LEU B 155 -25.76 -16.51 -26.67
CA LEU B 155 -25.70 -16.86 -28.09
C LEU B 155 -27.11 -16.97 -28.64
N MET B 156 -27.97 -17.58 -27.83
CA MET B 156 -29.38 -17.76 -28.18
C MET B 156 -29.99 -16.37 -28.46
N ALA B 157 -29.86 -15.46 -27.49
CA ALA B 157 -30.38 -14.10 -27.63
C ALA B 157 -29.81 -13.37 -28.84
N VAL B 158 -28.53 -13.59 -29.13
CA VAL B 158 -27.87 -12.94 -30.26
C VAL B 158 -28.49 -13.46 -31.56
N LEU B 159 -28.56 -14.79 -31.69
CA LEU B 159 -29.17 -15.39 -32.86
C LEU B 159 -30.59 -14.86 -33.01
N ALA B 160 -31.26 -14.64 -31.89
CA ALA B 160 -32.62 -14.12 -31.92
C ALA B 160 -32.63 -12.75 -32.58
N HIS B 161 -31.95 -11.78 -31.97
CA HIS B 161 -31.89 -10.41 -32.48
C HIS B 161 -31.37 -10.36 -33.91
N ALA B 162 -30.44 -11.26 -34.23
CA ALA B 162 -29.85 -11.34 -35.56
C ALA B 162 -30.93 -11.47 -36.63
N GLY B 163 -31.69 -12.57 -36.60
CA GLY B 163 -32.75 -12.76 -37.57
C GLY B 163 -32.24 -13.39 -38.84
N MET B 164 -32.82 -13.00 -39.98
CA MET B 164 -32.42 -13.53 -41.29
C MET B 164 -31.33 -12.67 -41.94
N THR B 165 -30.82 -11.69 -41.19
CA THR B 165 -29.77 -10.78 -41.66
C THR B 165 -28.40 -11.38 -41.35
N ARG B 166 -27.67 -11.82 -42.37
CA ARG B 166 -26.36 -12.40 -42.16
C ARG B 166 -25.49 -11.44 -41.32
N SER B 167 -25.40 -11.69 -40.01
CA SER B 167 -24.61 -10.85 -39.11
C SER B 167 -23.37 -11.61 -38.59
N VAL B 168 -22.37 -10.86 -38.11
CA VAL B 168 -21.14 -11.44 -37.57
C VAL B 168 -21.30 -11.69 -36.08
N ILE B 169 -21.05 -12.92 -35.65
CA ILE B 169 -21.18 -13.30 -34.25
C ILE B 169 -19.88 -13.95 -33.76
N VAL B 170 -19.51 -13.67 -32.51
CA VAL B 170 -18.32 -14.28 -31.94
C VAL B 170 -18.65 -14.88 -30.55
N CYS B 171 -18.24 -16.13 -30.37
CA CYS B 171 -18.52 -16.84 -29.15
C CYS B 171 -17.35 -17.03 -28.21
N ASN B 172 -17.57 -16.57 -26.97
CA ASN B 172 -16.59 -16.66 -25.91
C ASN B 172 -17.16 -17.40 -24.72
N GLY B 173 -16.37 -17.49 -23.67
CA GLY B 173 -16.80 -18.17 -22.46
C GLY B 173 -16.54 -19.67 -22.50
N TYR B 174 -16.78 -20.34 -21.37
CA TYR B 174 -16.57 -21.78 -21.28
C TYR B 174 -17.56 -22.46 -22.22
N LYS B 175 -17.07 -23.40 -23.01
CA LYS B 175 -17.91 -24.10 -23.98
C LYS B 175 -18.03 -25.61 -23.75
N ASP B 176 -19.23 -26.14 -24.00
CA ASP B 176 -19.53 -27.58 -23.88
C ASP B 176 -20.14 -28.03 -25.21
N ARG B 177 -20.61 -29.26 -25.29
CA ARG B 177 -21.20 -29.76 -26.53
C ARG B 177 -22.29 -28.82 -27.04
N GLU B 178 -23.40 -28.78 -26.32
CA GLU B 178 -24.53 -27.95 -26.67
C GLU B 178 -24.16 -26.59 -27.26
N TYR B 179 -23.28 -25.85 -26.58
CA TYR B 179 -22.85 -24.53 -27.04
C TYR B 179 -22.06 -24.58 -28.36
N ILE B 180 -21.03 -25.42 -28.42
CA ILE B 180 -20.22 -25.56 -29.63
C ILE B 180 -21.14 -25.90 -30.81
N ARG B 181 -22.09 -26.81 -30.56
CA ARG B 181 -23.05 -27.24 -31.60
C ARG B 181 -23.80 -26.03 -32.14
N LEU B 182 -24.57 -25.40 -31.27
CA LEU B 182 -25.36 -24.24 -31.64
C LEU B 182 -24.50 -23.28 -32.45
N ALA B 183 -23.29 -23.03 -31.96
CA ALA B 183 -22.37 -22.12 -32.65
C ALA B 183 -22.17 -22.58 -34.09
N LEU B 184 -21.81 -23.85 -34.25
CA LEU B 184 -21.58 -24.42 -35.56
C LEU B 184 -22.83 -24.37 -36.41
N ILE B 185 -23.97 -24.60 -35.77
CA ILE B 185 -25.25 -24.58 -36.47
C ILE B 185 -25.56 -23.17 -36.94
N GLY B 186 -24.99 -22.18 -36.29
CA GLY B 186 -25.22 -20.81 -36.70
C GLY B 186 -24.41 -20.49 -37.93
N GLU B 187 -23.25 -21.14 -38.07
CA GLU B 187 -22.36 -20.95 -39.21
C GLU B 187 -22.97 -21.54 -40.47
N LYS B 188 -23.46 -22.77 -40.35
CA LYS B 188 -24.09 -23.48 -41.45
C LYS B 188 -25.37 -22.72 -41.87
N MET B 189 -25.95 -22.01 -40.91
CA MET B 189 -27.16 -21.21 -41.09
C MET B 189 -26.92 -20.02 -42.03
N GLY B 190 -25.66 -19.62 -42.17
CA GLY B 190 -25.34 -18.50 -43.02
C GLY B 190 -24.51 -17.49 -42.27
N HIS B 191 -24.88 -17.20 -41.02
CA HIS B 191 -24.16 -16.24 -40.20
C HIS B 191 -22.67 -16.56 -40.12
N LYS B 192 -21.86 -15.50 -40.14
CA LYS B 192 -20.41 -15.65 -40.05
C LYS B 192 -20.05 -15.64 -38.55
N VAL B 193 -20.17 -16.80 -37.93
CA VAL B 193 -19.91 -16.94 -36.50
C VAL B 193 -18.53 -17.52 -36.18
N TYR B 194 -17.77 -16.77 -35.39
CA TYR B 194 -16.43 -17.15 -34.96
C TYR B 194 -16.45 -17.82 -33.59
N LEU B 195 -15.88 -19.03 -33.52
CA LEU B 195 -15.83 -19.76 -32.27
C LEU B 195 -14.43 -19.63 -31.65
N VAL B 196 -14.25 -18.68 -30.72
CA VAL B 196 -12.94 -18.46 -30.11
C VAL B 196 -12.43 -19.57 -29.19
N ILE B 197 -11.28 -20.13 -29.55
CA ILE B 197 -10.66 -21.20 -28.78
C ILE B 197 -9.95 -20.56 -27.60
N GLU B 198 -10.39 -20.88 -26.40
CA GLU B 198 -9.78 -20.28 -25.21
C GLU B 198 -9.38 -21.33 -24.22
N LYS B 199 -9.20 -22.55 -24.71
CA LYS B 199 -8.81 -23.67 -23.85
C LYS B 199 -8.45 -24.86 -24.77
N MET B 200 -7.26 -25.44 -24.59
CA MET B 200 -6.86 -26.55 -25.46
C MET B 200 -7.92 -27.62 -25.65
N SER B 201 -8.49 -28.10 -24.55
CA SER B 201 -9.49 -29.15 -24.61
C SER B 201 -10.70 -28.81 -25.48
N GLU B 202 -10.87 -27.54 -25.83
CA GLU B 202 -12.01 -27.11 -26.65
C GLU B 202 -11.83 -27.48 -28.13
N ILE B 203 -10.63 -27.27 -28.66
CA ILE B 203 -10.36 -27.57 -30.06
C ILE B 203 -10.71 -29.00 -30.46
N ALA B 204 -10.62 -29.92 -29.49
CA ALA B 204 -10.93 -31.32 -29.76
C ALA B 204 -12.41 -31.45 -30.08
N ILE B 205 -13.24 -30.85 -29.24
CA ILE B 205 -14.69 -30.90 -29.41
C ILE B 205 -15.19 -30.22 -30.68
N VAL B 206 -14.84 -28.95 -30.87
CA VAL B 206 -15.31 -28.21 -32.05
C VAL B 206 -15.05 -28.96 -33.34
N LEU B 207 -13.89 -29.59 -33.42
CA LEU B 207 -13.50 -30.34 -34.60
C LEU B 207 -14.41 -31.54 -34.82
N ASP B 208 -14.59 -32.33 -33.77
CA ASP B 208 -15.43 -33.51 -33.84
C ASP B 208 -16.88 -33.14 -34.18
N GLU B 209 -17.41 -32.12 -33.51
CA GLU B 209 -18.78 -31.68 -33.77
C GLU B 209 -18.93 -31.04 -35.13
N ALA B 210 -17.82 -30.58 -35.69
CA ALA B 210 -17.80 -29.95 -37.00
C ALA B 210 -18.02 -31.03 -38.05
N GLU B 211 -17.48 -32.22 -37.81
CA GLU B 211 -17.64 -33.32 -38.76
C GLU B 211 -19.02 -33.92 -38.61
N ARG B 212 -19.48 -34.02 -37.37
CA ARG B 212 -20.81 -34.56 -37.10
C ARG B 212 -21.88 -33.70 -37.80
N LEU B 213 -21.75 -32.38 -37.72
CA LEU B 213 -22.74 -31.50 -38.36
C LEU B 213 -22.31 -31.20 -39.77
N ASN B 214 -21.17 -31.76 -40.13
CA ASN B 214 -20.60 -31.57 -41.45
C ASN B 214 -20.65 -30.09 -41.86
N VAL B 215 -19.76 -29.32 -41.23
CA VAL B 215 -19.66 -27.90 -41.49
C VAL B 215 -18.20 -27.47 -41.31
N VAL B 216 -17.74 -26.61 -42.22
CA VAL B 216 -16.38 -26.08 -42.18
C VAL B 216 -16.30 -25.02 -41.07
N PRO B 217 -15.60 -25.33 -39.97
CA PRO B 217 -15.46 -24.42 -38.83
C PRO B 217 -14.66 -23.15 -39.07
N ARG B 218 -15.25 -22.04 -38.63
CA ARG B 218 -14.65 -20.71 -38.72
C ARG B 218 -14.40 -20.35 -37.27
N LEU B 219 -13.14 -20.37 -36.86
CA LEU B 219 -12.81 -20.10 -35.48
C LEU B 219 -11.59 -19.21 -35.27
N GLY B 220 -11.52 -18.60 -34.08
CA GLY B 220 -10.41 -17.74 -33.71
C GLY B 220 -9.74 -18.24 -32.45
N VAL B 221 -8.61 -17.67 -32.09
CA VAL B 221 -7.90 -18.12 -30.89
C VAL B 221 -7.57 -16.97 -29.94
N ARG B 222 -7.65 -17.24 -28.64
CA ARG B 222 -7.35 -16.22 -27.64
C ARG B 222 -6.08 -16.61 -26.88
N ALA B 223 -5.00 -15.84 -27.07
CA ALA B 223 -3.71 -16.15 -26.46
C ALA B 223 -3.39 -15.37 -25.21
N ARG B 224 -2.78 -16.06 -24.25
CA ARG B 224 -2.42 -15.41 -23.00
C ARG B 224 -1.25 -14.48 -23.23
N LEU B 225 -1.27 -13.35 -22.53
CA LEU B 225 -0.25 -12.34 -22.66
C LEU B 225 0.62 -12.26 -21.40
N ALA B 226 1.92 -12.00 -21.56
CA ALA B 226 2.83 -11.86 -20.42
C ALA B 226 3.04 -10.39 -20.08
N SER B 227 2.37 -9.52 -20.83
CA SER B 227 2.44 -8.07 -20.64
C SER B 227 1.98 -7.62 -19.26
N GLN B 228 0.81 -8.12 -18.82
CA GLN B 228 0.27 -7.78 -17.50
C GLN B 228 1.34 -7.94 -16.42
N GLY B 229 2.05 -9.07 -16.44
CA GLY B 229 3.14 -9.31 -15.49
C GLY B 229 2.80 -9.83 -14.11
N SER B 230 2.47 -11.12 -14.05
CA SER B 230 2.10 -11.73 -12.78
C SER B 230 1.82 -13.21 -12.95
N GLY B 231 2.34 -13.79 -14.03
CA GLY B 231 2.11 -15.19 -14.28
C GLY B 231 0.80 -15.43 -15.02
N LYS B 232 0.33 -14.41 -15.73
CA LYS B 232 -0.91 -14.47 -16.48
C LYS B 232 -0.62 -15.25 -17.78
N TRP B 233 0.67 -15.42 -18.09
CA TRP B 233 1.10 -16.12 -19.29
C TRP B 233 0.88 -17.62 -19.16
N GLN B 234 0.87 -18.10 -17.93
CA GLN B 234 0.67 -19.50 -17.64
C GLN B 234 -0.78 -19.86 -17.82
N SER B 235 -1.06 -21.11 -18.14
CA SER B 235 -2.44 -21.54 -18.36
C SER B 235 -3.01 -22.40 -17.25
N SER B 236 -2.13 -22.82 -16.37
CA SER B 236 -2.52 -23.69 -15.28
C SER B 236 -2.09 -23.16 -13.93
N GLY B 237 -1.44 -22.00 -13.91
CA GLY B 237 -1.00 -21.46 -12.63
C GLY B 237 -2.14 -21.19 -11.66
N GLY B 238 -1.78 -20.93 -10.41
CA GLY B 238 -2.78 -20.61 -9.41
C GLY B 238 -3.31 -19.19 -9.61
N GLU B 239 -2.81 -18.51 -10.65
CA GLU B 239 -3.25 -17.16 -10.98
C GLU B 239 -4.71 -17.25 -11.43
N LYS B 240 -5.56 -16.29 -11.04
CA LYS B 240 -6.98 -16.33 -11.43
C LYS B 240 -7.24 -15.74 -12.82
N SER B 241 -6.70 -16.39 -13.85
CA SER B 241 -6.88 -15.94 -15.23
C SER B 241 -7.84 -16.89 -15.92
N LYS B 242 -9.06 -16.43 -16.11
CA LYS B 242 -10.10 -17.24 -16.73
C LYS B 242 -9.72 -18.06 -17.96
N PHE B 243 -9.65 -17.43 -19.13
CA PHE B 243 -9.32 -18.18 -20.34
C PHE B 243 -8.06 -17.70 -21.02
N GLY B 244 -7.72 -18.39 -22.12
CA GLY B 244 -6.55 -18.03 -22.87
C GLY B 244 -5.66 -19.24 -23.08
N LEU B 245 -4.89 -19.23 -24.17
CA LEU B 245 -3.98 -20.31 -24.50
C LEU B 245 -2.54 -19.89 -24.22
N ALA B 246 -1.78 -20.77 -23.56
CA ALA B 246 -0.38 -20.50 -23.25
C ALA B 246 0.44 -20.64 -24.54
N ALA B 247 1.59 -19.96 -24.60
CA ALA B 247 2.45 -19.99 -25.78
C ALA B 247 2.53 -21.37 -26.42
N THR B 248 2.78 -22.38 -25.60
CA THR B 248 2.90 -23.76 -26.08
C THR B 248 1.62 -24.31 -26.67
N GLN B 249 0.48 -23.94 -26.08
CA GLN B 249 -0.83 -24.42 -26.53
C GLN B 249 -1.27 -23.77 -27.83
N VAL B 250 -0.80 -22.56 -28.08
CA VAL B 250 -1.14 -21.88 -29.31
C VAL B 250 -0.46 -22.65 -30.46
N LEU B 251 0.77 -23.10 -30.23
CA LEU B 251 1.51 -23.86 -31.24
C LEU B 251 0.85 -25.22 -31.48
N GLN B 252 0.36 -25.83 -30.42
CA GLN B 252 -0.30 -27.12 -30.52
C GLN B 252 -1.61 -27.01 -31.28
N LEU B 253 -2.25 -25.84 -31.19
CA LEU B 253 -3.50 -25.64 -31.91
C LEU B 253 -3.16 -25.51 -33.38
N VAL B 254 -2.15 -24.71 -33.69
CA VAL B 254 -1.76 -24.55 -35.08
C VAL B 254 -1.35 -25.90 -35.66
N GLU B 255 -0.68 -26.71 -34.85
CA GLU B 255 -0.23 -28.03 -35.29
C GLU B 255 -1.38 -29.01 -35.53
N THR B 256 -2.37 -28.99 -34.65
CA THR B 256 -3.52 -29.87 -34.76
C THR B 256 -4.32 -29.51 -36.00
N LEU B 257 -4.41 -28.21 -36.29
CA LEU B 257 -5.14 -27.76 -37.47
C LEU B 257 -4.36 -28.07 -38.74
N ARG B 258 -3.08 -28.38 -38.58
CA ARG B 258 -2.24 -28.71 -39.71
C ARG B 258 -2.51 -30.16 -40.13
N GLU B 259 -2.73 -31.02 -39.13
CA GLU B 259 -3.03 -32.43 -39.33
C GLU B 259 -4.37 -32.60 -40.03
N ALA B 260 -5.37 -31.88 -39.58
CA ALA B 260 -6.69 -31.97 -40.20
C ALA B 260 -6.76 -31.02 -41.39
N GLY B 261 -5.62 -30.45 -41.77
CA GLY B 261 -5.56 -29.52 -42.89
C GLY B 261 -6.64 -28.47 -42.86
N ARG B 262 -6.68 -27.70 -41.77
CA ARG B 262 -7.69 -26.66 -41.63
C ARG B 262 -7.15 -25.35 -41.05
N LEU B 263 -5.93 -24.98 -41.45
CA LEU B 263 -5.36 -23.74 -40.97
C LEU B 263 -6.18 -22.54 -41.49
N ASP B 264 -6.95 -22.77 -42.55
CA ASP B 264 -7.76 -21.72 -43.14
C ASP B 264 -8.93 -21.39 -42.22
N SER B 265 -9.27 -22.33 -41.34
CA SER B 265 -10.35 -22.13 -40.40
C SER B 265 -9.97 -21.10 -39.35
N LEU B 266 -8.81 -21.27 -38.74
CA LEU B 266 -8.35 -20.33 -37.73
C LEU B 266 -8.06 -19.01 -38.41
N GLN B 267 -8.91 -18.02 -38.17
CA GLN B 267 -8.70 -16.74 -38.81
C GLN B 267 -8.94 -15.53 -37.92
N LEU B 268 -9.08 -15.74 -36.61
CA LEU B 268 -9.30 -14.62 -35.72
C LEU B 268 -8.36 -14.69 -34.51
N LEU B 269 -7.78 -13.55 -34.17
CA LEU B 269 -6.87 -13.42 -33.02
C LEU B 269 -7.57 -12.59 -31.95
N HIS B 270 -7.61 -13.08 -30.71
CA HIS B 270 -8.30 -12.38 -29.64
C HIS B 270 -7.52 -12.25 -28.34
N PHE B 271 -7.71 -11.13 -27.67
CA PHE B 271 -7.06 -10.90 -26.37
C PHE B 271 -7.91 -9.90 -25.59
N HIS B 272 -8.00 -10.08 -24.28
CA HIS B 272 -8.79 -9.16 -23.47
C HIS B 272 -7.96 -8.73 -22.29
N LEU B 273 -7.77 -7.42 -22.13
CA LEU B 273 -6.98 -6.88 -21.03
C LEU B 273 -7.86 -6.62 -19.81
N GLY B 274 -9.18 -6.65 -20.01
CA GLY B 274 -10.13 -6.40 -18.93
C GLY B 274 -11.05 -5.20 -19.18
N SER B 275 -11.99 -4.92 -18.28
CA SER B 275 -12.86 -3.78 -18.50
C SER B 275 -12.29 -2.55 -17.84
N GLN B 276 -12.75 -1.38 -18.24
CA GLN B 276 -12.28 -0.12 -17.66
C GLN B 276 -10.77 -0.05 -17.48
N MET B 277 -10.04 0.10 -18.57
CA MET B 277 -8.58 0.19 -18.51
C MET B 277 -8.24 1.65 -18.22
N ALA B 278 -7.85 1.92 -16.98
CA ALA B 278 -7.54 3.28 -16.53
C ALA B 278 -6.38 3.92 -17.30
N ASN B 279 -5.23 3.25 -17.27
CA ASN B 279 -4.01 3.74 -17.92
C ASN B 279 -3.85 3.33 -19.38
N ILE B 280 -3.61 4.31 -20.24
CA ILE B 280 -3.45 4.05 -21.66
C ILE B 280 -2.26 3.18 -21.99
N ARG B 281 -1.20 3.25 -21.18
CA ARG B 281 0.00 2.46 -21.43
C ARG B 281 -0.25 0.96 -21.31
N ASP B 282 -1.18 0.59 -20.44
CA ASP B 282 -1.53 -0.81 -20.21
C ASP B 282 -2.06 -1.43 -21.50
N ILE B 283 -2.74 -0.60 -22.29
CA ILE B 283 -3.32 -0.99 -23.57
C ILE B 283 -2.24 -1.10 -24.64
N ALA B 284 -1.37 -0.09 -24.70
CA ALA B 284 -0.29 -0.05 -25.67
C ALA B 284 0.57 -1.29 -25.52
N THR B 285 0.85 -1.62 -24.26
CA THR B 285 1.66 -2.77 -23.91
C THR B 285 0.89 -4.06 -24.18
N GLY B 286 -0.44 -3.97 -24.28
CA GLY B 286 -1.28 -5.13 -24.55
C GLY B 286 -1.35 -5.47 -26.03
N VAL B 287 -1.52 -4.46 -26.88
CA VAL B 287 -1.58 -4.67 -28.35
C VAL B 287 -0.19 -4.95 -28.85
N ARG B 288 0.79 -4.16 -28.42
CA ARG B 288 2.16 -4.37 -28.83
C ARG B 288 2.48 -5.87 -28.81
N GLU B 289 2.25 -6.52 -27.68
CA GLU B 289 2.53 -7.95 -27.55
C GLU B 289 1.60 -8.84 -28.37
N SER B 290 0.30 -8.77 -28.11
CA SER B 290 -0.68 -9.57 -28.86
C SER B 290 -0.45 -9.41 -30.36
N ALA B 291 0.11 -8.28 -30.80
CA ALA B 291 0.34 -8.03 -32.24
C ALA B 291 1.42 -8.92 -32.80
N ARG B 292 2.37 -9.30 -31.96
CA ARG B 292 3.41 -10.18 -32.39
C ARG B 292 2.87 -11.58 -32.57
N PHE B 293 1.76 -11.90 -31.92
CA PHE B 293 1.16 -13.21 -32.09
C PHE B 293 0.62 -13.27 -33.52
N TYR B 294 0.21 -12.12 -34.04
CA TYR B 294 -0.32 -12.04 -35.40
C TYR B 294 0.81 -12.41 -36.37
N VAL B 295 1.92 -11.68 -36.31
CA VAL B 295 3.06 -11.98 -37.18
C VAL B 295 3.65 -13.38 -36.95
N GLU B 296 3.86 -13.75 -35.69
CA GLU B 296 4.42 -15.07 -35.36
C GLU B 296 3.52 -16.21 -35.84
N LEU B 297 2.22 -15.96 -35.86
CA LEU B 297 1.27 -16.97 -36.29
C LEU B 297 1.25 -17.04 -37.80
N HIS B 298 1.52 -15.91 -38.45
CA HIS B 298 1.55 -15.88 -39.91
C HIS B 298 2.73 -16.69 -40.39
N LYS B 299 3.87 -16.51 -39.73
CA LYS B 299 5.09 -17.24 -40.06
C LYS B 299 4.85 -18.74 -40.03
N LEU B 300 3.86 -19.19 -39.26
CA LEU B 300 3.59 -20.61 -39.20
C LEU B 300 2.59 -21.02 -40.26
N GLY B 301 2.11 -20.04 -41.03
CA GLY B 301 1.18 -20.36 -42.09
C GLY B 301 -0.25 -19.91 -41.91
N VAL B 302 -0.75 -19.89 -40.68
CA VAL B 302 -2.13 -19.45 -40.45
C VAL B 302 -2.37 -18.06 -41.05
N ASN B 303 -3.60 -17.78 -41.47
CA ASN B 303 -3.91 -16.48 -42.08
C ASN B 303 -4.30 -15.39 -41.05
N ILE B 304 -5.52 -15.47 -40.52
CA ILE B 304 -5.97 -14.51 -39.51
C ILE B 304 -6.19 -13.12 -40.09
N GLN B 305 -7.44 -12.84 -40.48
CA GLN B 305 -7.81 -11.54 -41.04
C GLN B 305 -8.45 -10.66 -39.98
N CYS B 306 -8.59 -11.21 -38.79
CA CYS B 306 -9.19 -10.46 -37.70
C CYS B 306 -8.31 -10.30 -36.48
N PHE B 307 -8.19 -9.06 -36.05
CA PHE B 307 -7.40 -8.70 -34.90
C PHE B 307 -8.43 -8.11 -33.90
N ASP B 308 -8.83 -8.92 -32.92
CA ASP B 308 -9.81 -8.50 -31.91
C ASP B 308 -9.11 -8.01 -30.64
N VAL B 309 -9.08 -6.70 -30.42
CA VAL B 309 -8.44 -6.11 -29.23
C VAL B 309 -9.29 -6.26 -27.97
N GLY B 310 -10.49 -6.81 -28.17
CA GLY B 310 -11.44 -7.05 -27.10
C GLY B 310 -11.69 -5.98 -26.06
N GLY B 311 -12.74 -5.18 -26.29
CA GLY B 311 -13.07 -4.12 -25.34
C GLY B 311 -11.94 -3.53 -24.53
N GLY B 312 -12.18 -3.31 -23.25
CA GLY B 312 -11.18 -2.73 -22.39
C GLY B 312 -11.25 -1.20 -22.35
N LEU B 313 -11.66 -0.60 -23.47
CA LEU B 313 -11.75 0.85 -23.54
C LEU B 313 -12.59 1.41 -22.39
N GLY B 314 -11.97 2.31 -21.64
CA GLY B 314 -12.63 2.92 -20.49
C GLY B 314 -13.51 4.11 -20.76
N VAL B 315 -14.28 4.46 -19.73
CA VAL B 315 -15.22 5.58 -19.75
C VAL B 315 -14.95 6.47 -18.54
N ASP B 316 -14.79 7.76 -18.77
CA ASP B 316 -14.55 8.66 -17.68
C ASP B 316 -15.86 8.85 -16.91
N TYR B 317 -15.89 8.40 -15.67
CA TYR B 317 -17.08 8.53 -14.83
C TYR B 317 -17.01 9.73 -13.90
N GLU B 318 -15.85 9.96 -13.29
CA GLU B 318 -15.68 11.07 -12.36
C GLU B 318 -15.82 12.39 -13.08
N GLY B 319 -15.10 12.53 -14.18
CA GLY B 319 -15.14 13.77 -14.92
C GLY B 319 -13.86 14.55 -14.81
N THR B 320 -12.79 13.91 -14.36
CA THR B 320 -11.52 14.58 -14.22
C THR B 320 -10.51 14.11 -15.26
N ARG B 321 -10.92 13.12 -16.06
CA ARG B 321 -10.09 12.53 -17.12
C ARG B 321 -8.67 12.15 -16.66
N SER B 322 -8.58 11.40 -15.57
CA SER B 322 -7.30 10.97 -15.02
C SER B 322 -7.11 9.45 -15.02
N GLN B 323 -6.08 8.99 -14.34
CA GLN B 323 -5.78 7.56 -14.28
C GLN B 323 -6.35 6.91 -13.02
N SER B 324 -7.32 7.56 -12.40
CA SER B 324 -7.93 7.02 -11.18
C SER B 324 -8.63 5.70 -11.44
N ASP B 325 -9.48 5.31 -10.49
CA ASP B 325 -10.22 4.05 -10.57
C ASP B 325 -11.34 4.09 -11.61
N CYS B 326 -12.28 5.03 -11.43
CA CYS B 326 -13.41 5.20 -12.33
C CYS B 326 -13.16 6.37 -13.28
N SER B 327 -12.07 6.27 -14.03
CA SER B 327 -11.69 7.32 -14.95
C SER B 327 -10.49 6.91 -15.77
N VAL B 328 -10.49 7.30 -17.03
CA VAL B 328 -9.39 6.97 -17.92
C VAL B 328 -8.52 8.18 -18.21
N ASN B 329 -7.25 7.93 -18.54
CA ASN B 329 -6.31 9.01 -18.86
C ASN B 329 -6.08 9.11 -20.36
N TYR B 330 -7.00 8.54 -21.15
CA TYR B 330 -6.87 8.58 -22.59
C TYR B 330 -8.21 8.80 -23.30
N GLY B 331 -8.18 9.62 -24.36
CA GLY B 331 -9.37 9.91 -25.13
C GLY B 331 -9.71 8.86 -26.15
N LEU B 332 -10.80 9.06 -26.86
CA LEU B 332 -11.26 8.14 -27.89
C LEU B 332 -10.27 7.96 -28.98
N ASN B 333 -9.73 9.08 -29.46
CA ASN B 333 -8.78 9.00 -30.55
C ASN B 333 -7.51 8.35 -30.11
N GLU B 334 -6.99 8.81 -28.98
CA GLU B 334 -5.76 8.25 -28.46
C GLU B 334 -5.79 6.72 -28.43
N TYR B 335 -6.93 6.18 -28.01
CA TYR B 335 -7.09 4.73 -27.96
C TYR B 335 -7.01 4.16 -29.38
N ALA B 336 -7.78 4.73 -30.30
CA ALA B 336 -7.78 4.27 -31.68
C ALA B 336 -6.39 4.29 -32.25
N ASN B 337 -5.70 5.42 -32.14
CA ASN B 337 -4.34 5.52 -32.66
C ASN B 337 -3.46 4.42 -32.13
N ASN B 338 -3.39 4.33 -30.81
CA ASN B 338 -2.58 3.29 -30.18
C ASN B 338 -2.82 1.92 -30.77
N ILE B 339 -4.09 1.58 -30.98
CA ILE B 339 -4.44 0.28 -31.54
C ILE B 339 -3.93 0.11 -32.96
N ILE B 340 -4.45 0.92 -33.88
CA ILE B 340 -4.04 0.85 -35.28
C ILE B 340 -2.54 0.91 -35.47
N TRP B 341 -1.88 1.90 -34.88
CA TRP B 341 -0.43 2.01 -35.00
C TRP B 341 0.31 0.72 -34.60
N ALA B 342 -0.13 0.09 -33.52
CA ALA B 342 0.50 -1.14 -33.04
C ALA B 342 0.44 -2.21 -34.11
N ILE B 343 -0.78 -2.59 -34.49
CA ILE B 343 -0.95 -3.61 -35.51
C ILE B 343 -0.36 -3.08 -36.82
N GLY B 344 -0.45 -1.76 -37.01
CA GLY B 344 0.10 -1.17 -38.21
C GLY B 344 1.57 -1.46 -38.37
N ASP B 345 2.39 -0.81 -37.56
CA ASP B 345 3.84 -1.01 -37.63
C ASP B 345 4.20 -2.49 -37.55
N ALA B 346 3.39 -3.26 -36.84
CA ALA B 346 3.68 -4.68 -36.71
C ALA B 346 3.69 -5.31 -38.09
N CYS B 347 2.70 -4.98 -38.91
CA CYS B 347 2.62 -5.55 -40.25
C CYS B 347 3.72 -5.04 -41.17
N GLU B 348 3.86 -3.72 -41.25
CA GLU B 348 4.87 -3.12 -42.11
C GLU B 348 6.21 -3.83 -41.98
N GLU B 349 6.74 -3.85 -40.77
CA GLU B 349 8.03 -4.48 -40.50
C GLU B 349 8.18 -5.83 -41.18
N ASN B 350 7.30 -6.78 -40.84
CA ASN B 350 7.38 -8.12 -41.42
C ASN B 350 6.74 -8.28 -42.80
N GLY B 351 6.29 -7.16 -43.37
CA GLY B 351 5.68 -7.20 -44.69
C GLY B 351 4.43 -8.05 -44.75
N LEU B 352 3.46 -7.75 -43.88
CA LEU B 352 2.21 -8.49 -43.85
C LEU B 352 1.04 -7.59 -44.19
N PRO B 353 -0.07 -8.17 -44.66
CA PRO B 353 -1.26 -7.42 -45.02
C PRO B 353 -1.99 -6.92 -43.77
N HIS B 354 -2.64 -5.75 -43.86
CA HIS B 354 -3.38 -5.15 -42.74
C HIS B 354 -4.70 -5.87 -42.46
N PRO B 355 -4.79 -6.58 -41.32
CA PRO B 355 -6.00 -7.31 -40.95
C PRO B 355 -7.14 -6.44 -40.46
N THR B 356 -8.33 -7.00 -40.50
CA THR B 356 -9.50 -6.28 -40.04
C THR B 356 -9.39 -6.10 -38.53
N VAL B 357 -9.55 -4.86 -38.06
CA VAL B 357 -9.47 -4.59 -36.64
C VAL B 357 -10.85 -4.56 -35.97
N ILE B 358 -11.04 -5.45 -35.00
CA ILE B 358 -12.28 -5.56 -34.26
C ILE B 358 -12.10 -5.17 -32.81
N THR B 359 -13.14 -4.62 -32.22
CA THR B 359 -13.07 -4.24 -30.82
C THR B 359 -14.42 -4.53 -30.15
N GLU B 360 -14.41 -4.80 -28.85
CA GLU B 360 -15.64 -5.11 -28.14
C GLU B 360 -15.84 -4.14 -26.99
N SER B 361 -15.85 -2.85 -27.31
CA SER B 361 -16.04 -1.81 -26.31
C SER B 361 -17.49 -1.61 -25.91
N GLY B 362 -18.04 -2.60 -25.22
CA GLY B 362 -19.43 -2.54 -24.79
C GLY B 362 -19.69 -1.34 -23.91
N ARG B 363 -19.16 -1.37 -22.70
CA ARG B 363 -19.35 -0.26 -21.78
C ARG B 363 -19.15 1.07 -22.51
N ALA B 364 -18.20 1.11 -23.44
CA ALA B 364 -17.93 2.35 -24.16
C ALA B 364 -19.14 2.96 -24.86
N VAL B 365 -19.96 2.13 -25.52
CA VAL B 365 -21.13 2.64 -26.24
C VAL B 365 -22.41 2.79 -25.40
N THR B 366 -22.63 1.87 -24.47
CA THR B 366 -23.82 1.87 -23.61
C THR B 366 -23.73 2.85 -22.44
N ALA B 367 -22.51 3.08 -21.97
CA ALA B 367 -22.22 3.98 -20.86
C ALA B 367 -23.28 5.00 -20.50
N HIS B 368 -23.32 6.07 -21.27
CA HIS B 368 -24.26 7.16 -21.00
C HIS B 368 -25.42 7.36 -21.94
N HIS B 369 -26.33 6.40 -21.96
CA HIS B 369 -27.50 6.51 -22.82
C HIS B 369 -28.72 6.39 -21.93
N THR B 370 -28.49 6.16 -20.65
CA THR B 370 -29.57 6.01 -19.69
C THR B 370 -29.35 6.76 -18.37
N VAL B 371 -30.39 7.45 -17.90
CA VAL B 371 -30.32 8.22 -16.67
C VAL B 371 -31.38 7.72 -15.70
N LEU B 372 -30.97 7.44 -14.47
CA LEU B 372 -31.92 6.98 -13.47
C LEU B 372 -32.49 8.26 -12.88
N VAL B 373 -33.81 8.36 -12.77
CA VAL B 373 -34.39 9.56 -12.21
C VAL B 373 -35.40 9.21 -11.13
N SER B 374 -35.27 9.85 -9.97
CA SER B 374 -36.22 9.64 -8.89
C SER B 374 -36.44 10.90 -8.07
N ASN B 375 -37.29 10.80 -7.06
CA ASN B 375 -37.64 11.95 -6.21
C ASN B 375 -37.20 11.80 -4.77
N ILE B 376 -37.22 12.91 -4.04
CA ILE B 376 -36.84 12.90 -2.63
C ILE B 376 -38.10 12.60 -1.83
N ILE B 377 -38.11 11.50 -1.09
CA ILE B 377 -39.29 11.15 -0.33
C ILE B 377 -39.33 11.74 1.07
N GLY B 378 -38.22 12.34 1.48
CA GLY B 378 -38.18 12.94 2.79
C GLY B 378 -36.78 13.45 3.05
N VAL B 379 -36.65 14.51 3.84
CA VAL B 379 -35.33 15.05 4.15
C VAL B 379 -35.16 15.26 5.64
N GLU B 380 -33.91 15.22 6.11
CA GLU B 380 -33.63 15.45 7.51
C GLU B 380 -32.71 16.66 7.69
N ARG B 381 -33.31 17.84 7.71
CA ARG B 381 -32.61 19.11 7.88
C ARG B 381 -32.61 19.40 9.39
N ASN B 382 -31.51 19.95 9.93
CA ASN B 382 -31.43 20.27 11.36
C ASN B 382 -32.24 21.50 11.65
N GLU B 383 -32.78 21.59 12.86
CA GLU B 383 -33.61 22.73 13.26
C GLU B 383 -32.92 23.63 14.29
N TYR B 384 -32.36 24.74 13.81
CA TYR B 384 -31.66 25.68 14.69
C TYR B 384 -32.64 26.35 15.66
N THR B 385 -32.36 26.22 16.96
CA THR B 385 -33.20 26.83 17.99
C THR B 385 -32.33 27.37 19.10
N VAL B 386 -32.55 28.64 19.41
CA VAL B 386 -31.81 29.30 20.48
C VAL B 386 -32.02 28.54 21.79
N PRO B 387 -30.93 28.01 22.34
CA PRO B 387 -30.96 27.25 23.59
C PRO B 387 -31.30 28.11 24.81
N THR B 388 -31.85 27.47 25.82
CA THR B 388 -32.24 28.15 27.06
C THR B 388 -31.40 27.60 28.20
N ALA B 389 -30.96 28.49 29.09
CA ALA B 389 -30.15 28.08 30.23
C ALA B 389 -30.66 26.77 30.82
N PRO B 390 -29.73 25.90 31.23
CA PRO B 390 -30.03 24.59 31.83
C PRO B 390 -30.45 24.71 33.31
N ALA B 391 -30.92 23.60 33.88
CA ALA B 391 -31.35 23.58 35.28
C ALA B 391 -30.22 24.05 36.19
N GLU B 392 -30.48 25.06 37.02
CA GLU B 392 -29.45 25.58 37.93
C GLU B 392 -28.74 24.47 38.69
N ASP B 393 -29.48 23.39 38.99
CA ASP B 393 -28.93 22.25 39.71
C ASP B 393 -28.76 21.08 38.74
N ALA B 394 -28.05 21.34 37.64
CA ALA B 394 -27.78 20.31 36.63
C ALA B 394 -26.27 20.06 36.65
N PRO B 395 -25.82 18.92 36.11
CA PRO B 395 -24.40 18.57 36.09
C PRO B 395 -23.51 19.68 35.56
N ARG B 396 -22.23 19.64 35.96
CA ARG B 396 -21.27 20.66 35.55
C ARG B 396 -21.02 20.62 34.05
N ALA B 397 -21.02 19.42 33.48
CA ALA B 397 -20.79 19.27 32.05
C ALA B 397 -21.75 20.15 31.22
N LEU B 398 -23.03 20.21 31.61
CA LEU B 398 -24.03 21.02 30.91
C LEU B 398 -23.85 22.50 31.20
N GLN B 399 -23.43 22.80 32.42
CA GLN B 399 -23.21 24.17 32.83
C GLN B 399 -22.06 24.69 31.99
N SER B 400 -21.09 23.80 31.76
CA SER B 400 -19.90 24.10 30.97
C SER B 400 -20.28 24.45 29.52
N MET B 401 -21.17 23.65 28.92
CA MET B 401 -21.59 23.92 27.55
C MET B 401 -22.31 25.26 27.43
N TRP B 402 -23.12 25.59 28.44
CA TRP B 402 -23.87 26.84 28.43
C TRP B 402 -22.91 27.99 28.70
N GLU B 403 -21.93 27.75 29.56
CA GLU B 403 -20.95 28.76 29.88
C GLU B 403 -20.26 29.22 28.60
N THR B 404 -19.97 28.26 27.73
CA THR B 404 -19.29 28.52 26.44
C THR B 404 -20.21 29.26 25.45
N TRP B 405 -21.51 28.98 25.53
CA TRP B 405 -22.48 29.60 24.64
C TRP B 405 -22.58 31.09 24.91
N GLN B 406 -22.76 31.43 26.18
CA GLN B 406 -22.88 32.82 26.58
C GLN B 406 -21.63 33.59 26.20
N GLU B 407 -20.49 32.91 26.32
CA GLU B 407 -19.21 33.51 25.97
C GLU B 407 -19.09 33.83 24.49
N MET B 408 -19.81 33.11 23.63
CA MET B 408 -19.76 33.38 22.21
C MET B 408 -20.49 34.68 21.91
N HIS B 409 -21.62 34.86 22.58
CA HIS B 409 -22.47 36.04 22.40
C HIS B 409 -22.11 37.18 23.34
N GLU B 410 -21.00 37.84 23.03
CA GLU B 410 -20.51 38.97 23.82
C GLU B 410 -19.13 39.37 23.33
N PRO B 411 -18.88 40.67 23.15
CA PRO B 411 -17.60 41.20 22.68
C PRO B 411 -16.33 40.74 23.45
N GLY B 412 -15.78 39.60 23.04
CA GLY B 412 -14.57 39.06 23.65
C GLY B 412 -13.56 38.73 22.57
N THR B 413 -13.37 37.44 22.29
CA THR B 413 -12.44 37.01 21.23
C THR B 413 -13.18 36.21 20.14
N ARG B 414 -12.97 36.57 18.89
CA ARG B 414 -13.63 35.89 17.78
C ARG B 414 -12.87 34.71 17.14
N ARG B 415 -11.52 34.71 17.19
CA ARG B 415 -10.68 33.63 16.61
C ARG B 415 -10.60 32.40 17.53
N SER B 416 -11.02 32.62 18.78
CA SER B 416 -11.06 31.65 19.86
C SER B 416 -12.22 30.71 19.65
N LEU B 417 -12.78 30.76 18.44
CA LEU B 417 -13.90 29.90 18.09
C LEU B 417 -13.38 28.48 17.87
N ARG B 418 -12.17 28.37 17.32
CA ARG B 418 -11.57 27.05 17.10
C ARG B 418 -11.55 26.30 18.43
N GLU B 419 -11.34 27.05 19.52
CA GLU B 419 -11.30 26.49 20.88
C GLU B 419 -12.69 26.17 21.41
N TRP B 420 -13.62 27.10 21.25
CA TRP B 420 -14.99 26.91 21.70
C TRP B 420 -15.56 25.62 21.13
N LEU B 421 -15.15 25.31 19.91
CA LEU B 421 -15.64 24.12 19.23
C LEU B 421 -15.15 22.91 19.99
N HIS B 422 -13.84 22.84 20.19
CA HIS B 422 -13.25 21.73 20.93
C HIS B 422 -13.88 21.58 22.30
N ASP B 423 -14.32 22.69 22.89
CA ASP B 423 -14.94 22.65 24.20
C ASP B 423 -16.30 21.95 24.15
N SER B 424 -17.16 22.41 23.26
CA SER B 424 -18.49 21.83 23.12
C SER B 424 -18.44 20.36 22.73
N GLN B 425 -17.48 20.02 21.89
CA GLN B 425 -17.30 18.64 21.43
C GLN B 425 -17.01 17.70 22.60
N MET B 426 -16.10 18.12 23.48
CA MET B 426 -15.72 17.31 24.61
C MET B 426 -16.81 17.23 25.68
N ASP B 427 -17.51 18.33 25.92
CA ASP B 427 -18.57 18.29 26.92
C ASP B 427 -19.66 17.35 26.40
N LEU B 428 -20.04 17.51 25.14
CA LEU B 428 -21.08 16.66 24.56
C LEU B 428 -20.71 15.19 24.65
N HIS B 429 -19.44 14.88 24.46
CA HIS B 429 -18.94 13.51 24.54
C HIS B 429 -19.04 12.95 25.97
N ASP B 430 -18.77 13.81 26.96
CA ASP B 430 -18.83 13.44 28.38
C ASP B 430 -20.25 13.11 28.78
N ILE B 431 -21.19 13.97 28.43
CA ILE B 431 -22.56 13.72 28.81
C ILE B 431 -23.06 12.50 28.01
N HIS B 432 -22.49 12.25 26.83
CA HIS B 432 -22.88 11.11 25.99
C HIS B 432 -22.50 9.78 26.60
N ILE B 433 -21.20 9.64 26.89
CA ILE B 433 -20.65 8.44 27.49
C ILE B 433 -21.25 8.36 28.89
N GLY B 434 -21.44 9.52 29.51
CA GLY B 434 -22.01 9.57 30.84
C GLY B 434 -23.46 9.14 30.87
N TYR B 435 -24.13 9.33 29.74
CA TYR B 435 -25.54 8.96 29.62
C TYR B 435 -25.69 7.46 29.69
N SER B 436 -24.76 6.76 29.07
CA SER B 436 -24.81 5.31 29.06
C SER B 436 -24.45 4.80 30.43
N SER B 437 -23.60 5.54 31.12
CA SER B 437 -23.18 5.13 32.46
C SER B 437 -24.33 5.26 33.44
N GLY B 438 -25.37 5.97 33.01
CA GLY B 438 -26.53 6.17 33.87
C GLY B 438 -26.36 7.34 34.84
N ILE B 439 -25.63 8.36 34.42
CA ILE B 439 -25.42 9.53 35.27
C ILE B 439 -25.81 10.81 34.55
N PHE B 440 -26.74 10.67 33.60
CA PHE B 440 -27.26 11.78 32.77
C PHE B 440 -28.65 11.40 32.21
N SER B 441 -29.62 12.29 32.36
CA SER B 441 -30.95 11.99 31.87
C SER B 441 -31.12 12.29 30.40
N LEU B 442 -32.02 11.54 29.76
CA LEU B 442 -32.30 11.70 28.35
C LEU B 442 -32.60 13.18 28.06
N GLN B 443 -33.29 13.84 28.99
CA GLN B 443 -33.62 15.26 28.81
C GLN B 443 -32.34 16.08 28.73
N GLU B 444 -31.36 15.67 29.51
CA GLU B 444 -30.07 16.35 29.55
C GLU B 444 -29.31 16.09 28.25
N ARG B 445 -29.31 14.83 27.83
CA ARG B 445 -28.62 14.47 26.59
C ARG B 445 -29.25 15.20 25.41
N ALA B 446 -30.58 15.21 25.36
CA ALA B 446 -31.28 15.88 24.27
C ALA B 446 -30.97 17.36 24.28
N TRP B 447 -30.76 17.91 25.47
CA TRP B 447 -30.46 19.32 25.60
C TRP B 447 -29.07 19.63 25.07
N ALA B 448 -28.08 18.88 25.57
CA ALA B 448 -26.69 19.07 25.16
C ALA B 448 -26.55 18.93 23.65
N GLU B 449 -27.13 17.87 23.10
CA GLU B 449 -27.05 17.64 21.67
C GLU B 449 -27.52 18.85 20.89
N GLN B 450 -28.63 19.45 21.32
CA GLN B 450 -29.14 20.62 20.61
C GLN B 450 -28.25 21.87 20.79
N LEU B 451 -27.74 22.06 21.99
CA LEU B 451 -26.90 23.21 22.21
C LEU B 451 -25.68 23.07 21.30
N TYR B 452 -25.16 21.86 21.17
CA TYR B 452 -24.00 21.66 20.32
C TYR B 452 -24.35 21.97 18.87
N LEU B 453 -25.51 21.52 18.43
CA LEU B 453 -25.93 21.76 17.05
C LEU B 453 -26.13 23.26 16.79
N SER B 454 -26.47 23.99 17.85
CA SER B 454 -26.67 25.42 17.72
C SER B 454 -25.29 26.05 17.68
N MET B 455 -24.38 25.50 18.49
CA MET B 455 -22.99 25.97 18.57
C MET B 455 -22.34 25.94 17.19
N CYS B 456 -22.68 24.91 16.43
CA CYS B 456 -22.13 24.76 15.09
C CYS B 456 -22.73 25.79 14.17
N HIS B 457 -24.05 25.84 14.15
CA HIS B 457 -24.75 26.78 13.29
C HIS B 457 -24.20 28.18 13.50
N GLU B 458 -23.73 28.48 14.70
CA GLU B 458 -23.19 29.79 15.02
C GLU B 458 -21.76 29.97 14.56
N VAL B 459 -20.93 28.97 14.86
CA VAL B 459 -19.53 29.01 14.49
C VAL B 459 -19.38 28.94 12.98
N GLN B 460 -20.33 28.30 12.31
CA GLN B 460 -20.29 28.17 10.86
C GLN B 460 -20.46 29.53 10.18
N LYS B 461 -21.11 30.48 10.87
CA LYS B 461 -21.34 31.84 10.35
C LYS B 461 -20.09 32.70 10.49
N GLN B 462 -19.56 32.76 11.71
CA GLN B 462 -18.39 33.56 12.00
C GLN B 462 -17.18 33.13 11.21
N LEU B 463 -17.06 31.82 10.99
CA LEU B 463 -15.95 31.22 10.24
C LEU B 463 -15.46 32.06 9.04
N ASP B 464 -14.15 32.17 8.86
CA ASP B 464 -13.59 32.94 7.76
C ASP B 464 -12.93 32.03 6.72
N PRO B 465 -13.48 31.99 5.48
CA PRO B 465 -12.95 31.14 4.39
C PRO B 465 -11.51 31.40 3.94
N GLN B 466 -11.02 32.61 4.20
CA GLN B 466 -9.66 33.00 3.83
C GLN B 466 -8.63 32.64 4.90
N ASN B 467 -9.10 32.48 6.13
CA ASN B 467 -8.20 32.13 7.23
C ASN B 467 -7.82 30.66 7.08
N ARG B 468 -6.52 30.37 7.07
CA ARG B 468 -6.02 28.99 6.92
C ARG B 468 -6.47 28.05 8.04
N ALA B 469 -6.57 28.58 9.26
CA ALA B 469 -6.99 27.77 10.39
C ALA B 469 -8.51 27.57 10.46
N HIS B 470 -9.24 28.19 9.53
CA HIS B 470 -10.70 28.10 9.50
C HIS B 470 -11.24 27.19 8.38
N ARG B 471 -10.35 26.72 7.52
CA ARG B 471 -10.74 25.85 6.40
C ARG B 471 -10.87 24.37 6.80
N PRO B 472 -9.99 23.88 7.69
CA PRO B 472 -10.11 22.48 8.11
C PRO B 472 -11.39 22.24 8.90
N ILE B 473 -11.98 23.32 9.40
CA ILE B 473 -13.22 23.24 10.16
C ILE B 473 -14.43 23.51 9.29
N ILE B 474 -14.28 24.47 8.38
CA ILE B 474 -15.38 24.82 7.49
C ILE B 474 -15.85 23.54 6.77
N ASP B 475 -14.92 22.60 6.58
CA ASP B 475 -15.26 21.34 5.92
C ASP B 475 -15.83 20.32 6.91
N GLU B 476 -15.41 20.44 8.16
CA GLU B 476 -15.89 19.57 9.20
C GLU B 476 -17.34 19.95 9.53
N LEU B 477 -17.68 21.23 9.45
CA LEU B 477 -19.04 21.65 9.75
C LEU B 477 -20.01 21.37 8.61
N GLN B 478 -19.54 21.48 7.37
CA GLN B 478 -20.42 21.22 6.24
C GLN B 478 -20.96 19.81 6.32
N GLU B 479 -20.20 18.92 6.98
CA GLU B 479 -20.58 17.52 7.15
C GLU B 479 -21.65 17.41 8.21
N ARG B 480 -21.31 17.90 9.40
CA ARG B 480 -22.21 17.85 10.53
C ARG B 480 -23.29 18.92 10.45
N MET B 481 -23.71 19.28 9.24
CA MET B 481 -24.73 20.30 9.04
C MET B 481 -25.42 20.11 7.69
N ALA B 482 -25.05 19.02 7.02
CA ALA B 482 -25.60 18.68 5.71
C ALA B 482 -26.95 18.02 5.87
N ASP B 483 -27.78 18.16 4.85
CA ASP B 483 -29.11 17.57 4.86
C ASP B 483 -28.98 16.08 4.56
N LYS B 484 -29.87 15.28 5.11
CA LYS B 484 -29.86 13.86 4.85
C LYS B 484 -31.17 13.59 4.11
N MET B 485 -31.10 13.48 2.79
CA MET B 485 -32.30 13.23 2.00
C MET B 485 -32.43 11.76 1.57
N TYR B 486 -33.68 11.30 1.46
CA TYR B 486 -33.98 9.92 1.06
C TYR B 486 -34.61 9.85 -0.33
N VAL B 487 -33.88 9.26 -1.27
CA VAL B 487 -34.34 9.12 -2.64
C VAL B 487 -35.16 7.84 -2.79
N ASN B 488 -36.22 7.95 -3.60
CA ASN B 488 -37.15 6.86 -3.86
C ASN B 488 -36.60 5.81 -4.82
N PHE B 489 -35.60 5.06 -4.40
CA PHE B 489 -35.05 4.01 -5.27
C PHE B 489 -34.27 2.98 -4.46
N SER B 490 -33.77 1.95 -5.16
CA SER B 490 -32.98 0.89 -4.52
C SER B 490 -31.61 0.81 -5.16
N LEU B 491 -30.59 1.18 -4.41
CA LEU B 491 -29.23 1.13 -4.92
C LEU B 491 -28.85 -0.26 -5.45
N PHE B 492 -29.37 -1.31 -4.83
CA PHE B 492 -29.06 -2.66 -5.24
C PHE B 492 -29.79 -3.13 -6.46
N GLN B 493 -30.80 -2.36 -6.85
CA GLN B 493 -31.60 -2.73 -8.00
C GLN B 493 -31.25 -1.91 -9.22
N SER B 494 -30.97 -0.63 -8.99
CA SER B 494 -30.67 0.31 -10.06
C SER B 494 -29.18 0.51 -10.37
N MET B 495 -28.31 0.43 -9.37
CA MET B 495 -26.87 0.62 -9.57
C MET B 495 -26.06 -0.38 -8.77
N PRO B 496 -26.30 -1.69 -8.99
CA PRO B 496 -25.57 -2.71 -8.25
C PRO B 496 -24.07 -2.56 -8.32
N ASP B 497 -23.55 -2.12 -9.46
CA ASP B 497 -22.12 -1.98 -9.56
C ASP B 497 -21.57 -1.04 -8.48
N ALA B 498 -22.44 -0.21 -7.90
CA ALA B 498 -22.02 0.74 -6.87
C ALA B 498 -21.86 0.08 -5.52
N TRP B 499 -22.24 -1.19 -5.44
CA TRP B 499 -22.18 -1.98 -4.23
C TRP B 499 -20.99 -2.93 -4.27
N GLY B 500 -20.94 -3.77 -5.30
CA GLY B 500 -19.86 -4.74 -5.46
C GLY B 500 -18.50 -4.10 -5.68
N ILE B 501 -18.53 -2.92 -6.27
CA ILE B 501 -17.32 -2.13 -6.53
C ILE B 501 -17.71 -0.70 -6.16
N ASP B 502 -16.76 0.11 -5.74
CA ASP B 502 -17.14 1.48 -5.44
C ASP B 502 -17.34 2.24 -6.75
N GLN B 503 -18.34 1.84 -7.53
CA GLN B 503 -18.62 2.50 -8.80
C GLN B 503 -19.20 3.89 -8.57
N LEU B 504 -18.48 4.88 -9.07
CA LEU B 504 -18.88 6.27 -8.94
C LEU B 504 -19.82 6.64 -10.06
N PHE B 505 -20.96 7.21 -9.70
CA PHE B 505 -21.93 7.63 -10.67
C PHE B 505 -22.24 9.09 -10.39
N PRO B 506 -22.19 9.94 -11.42
CA PRO B 506 -22.49 11.35 -11.19
C PRO B 506 -23.97 11.54 -10.81
N VAL B 507 -24.22 12.03 -9.60
CA VAL B 507 -25.58 12.26 -9.10
C VAL B 507 -25.78 13.75 -8.85
N LEU B 508 -26.81 14.32 -9.46
CA LEU B 508 -27.07 15.74 -9.26
C LEU B 508 -28.53 16.11 -9.43
N PRO B 509 -28.93 17.28 -8.91
CA PRO B 509 -30.34 17.69 -9.06
C PRO B 509 -30.60 18.06 -10.51
N LEU B 510 -31.83 17.89 -10.96
CA LEU B 510 -32.17 18.21 -12.32
C LEU B 510 -32.41 19.71 -12.56
N GLU B 511 -32.26 20.53 -11.53
CA GLU B 511 -32.45 21.97 -11.68
C GLU B 511 -31.68 22.77 -10.63
N GLY B 512 -31.60 24.09 -10.83
CA GLY B 512 -30.88 24.93 -9.89
C GLY B 512 -29.39 24.73 -9.97
N LEU B 513 -28.92 24.18 -11.09
CA LEU B 513 -27.51 23.91 -11.32
C LEU B 513 -26.74 25.19 -11.67
N ASP B 514 -27.49 26.27 -11.86
CA ASP B 514 -26.93 27.58 -12.23
C ASP B 514 -26.35 28.36 -11.04
N GLN B 515 -26.97 28.18 -9.87
CA GLN B 515 -26.54 28.85 -8.64
C GLN B 515 -25.40 28.14 -7.92
N VAL B 516 -24.95 28.75 -6.82
CA VAL B 516 -23.84 28.21 -6.01
C VAL B 516 -24.34 27.34 -4.84
N PRO B 517 -23.66 26.21 -4.57
CA PRO B 517 -24.09 25.35 -3.47
C PRO B 517 -24.33 26.11 -2.17
N GLU B 518 -25.55 26.00 -1.66
CA GLU B 518 -25.92 26.67 -0.42
C GLU B 518 -25.94 25.70 0.76
N ARG B 519 -25.70 24.42 0.49
CA ARG B 519 -25.71 23.43 1.55
C ARG B 519 -25.25 22.08 0.99
N ARG B 520 -24.75 21.22 1.86
CA ARG B 520 -24.30 19.90 1.45
C ARG B 520 -25.38 18.90 1.85
N ALA B 521 -25.29 17.67 1.38
CA ALA B 521 -26.26 16.63 1.71
C ALA B 521 -25.80 15.23 1.31
N VAL B 522 -26.17 14.24 2.11
CA VAL B 522 -25.81 12.86 1.86
C VAL B 522 -27.12 12.20 1.48
N LEU B 523 -27.12 11.42 0.39
CA LEU B 523 -28.36 10.80 -0.04
C LEU B 523 -28.37 9.28 0.02
N LEU B 524 -29.41 8.73 0.66
CA LEU B 524 -29.54 7.29 0.81
C LEU B 524 -30.88 6.75 0.30
N ASP B 525 -30.89 5.53 -0.24
CA ASP B 525 -32.10 4.89 -0.80
C ASP B 525 -33.08 4.44 0.29
N ILE B 526 -34.28 4.01 -0.12
CA ILE B 526 -35.33 3.56 0.82
C ILE B 526 -35.22 2.10 1.28
N THR B 527 -33.99 1.58 1.29
CA THR B 527 -33.74 0.22 1.72
C THR B 527 -33.58 0.29 3.23
N CYS B 528 -34.09 -0.70 3.95
CA CYS B 528 -33.95 -0.66 5.41
C CYS B 528 -32.53 -0.94 5.85
N ASP B 529 -31.67 -1.27 4.89
CA ASP B 529 -30.26 -1.54 5.15
C ASP B 529 -29.43 -0.26 5.02
N SER B 530 -28.72 0.10 6.09
CA SER B 530 -27.89 1.29 6.13
C SER B 530 -26.82 1.29 5.02
N ASP B 531 -26.59 0.14 4.39
CA ASP B 531 -25.59 0.03 3.32
C ASP B 531 -26.16 0.56 1.99
N GLY B 532 -27.39 1.06 2.04
CA GLY B 532 -28.01 1.58 0.84
C GLY B 532 -27.92 3.09 0.80
N ALA B 533 -26.82 3.60 0.27
CA ALA B 533 -26.62 5.03 0.18
C ALA B 533 -25.43 5.28 -0.72
N ILE B 534 -25.19 6.54 -1.04
CA ILE B 534 -24.07 6.88 -1.90
C ILE B 534 -22.90 7.31 -1.02
N ASP B 535 -21.76 6.64 -1.18
CA ASP B 535 -20.60 6.93 -0.38
C ASP B 535 -19.86 8.19 -0.84
N HIS B 536 -19.49 8.24 -2.11
CA HIS B 536 -18.78 9.40 -2.64
C HIS B 536 -19.55 10.14 -3.72
N TYR B 537 -19.27 11.43 -3.86
CA TYR B 537 -19.92 12.27 -4.85
C TYR B 537 -18.88 13.08 -5.62
N ILE B 538 -19.24 13.51 -6.84
CA ILE B 538 -18.34 14.30 -7.68
C ILE B 538 -18.22 15.72 -7.11
N ASP B 539 -17.00 16.25 -7.02
CA ASP B 539 -16.79 17.61 -6.50
C ASP B 539 -15.57 18.26 -7.17
N GLY B 540 -15.69 18.53 -8.47
CA GLY B 540 -14.61 19.14 -9.21
C GLY B 540 -13.29 18.38 -9.14
N ASP B 541 -12.35 18.96 -8.39
CA ASP B 541 -11.00 18.40 -8.20
C ASP B 541 -11.08 16.90 -7.89
N GLY B 542 -11.70 16.57 -6.75
CA GLY B 542 -11.85 15.18 -6.34
C GLY B 542 -13.24 14.83 -5.85
N ILE B 543 -13.35 13.65 -5.24
CA ILE B 543 -14.62 13.18 -4.71
C ILE B 543 -14.76 13.51 -3.21
N ALA B 544 -15.95 13.97 -2.82
CA ALA B 544 -16.28 14.33 -1.44
C ALA B 544 -17.24 13.31 -0.87
N THR B 545 -17.28 13.23 0.46
CA THR B 545 -18.18 12.30 1.15
C THR B 545 -19.60 12.87 1.20
N THR B 546 -19.73 14.14 0.83
CA THR B 546 -21.03 14.79 0.83
C THR B 546 -21.30 15.39 -0.55
N MET B 547 -22.58 15.60 -0.86
CA MET B 547 -23.00 16.13 -2.14
C MET B 547 -23.50 17.57 -2.00
N PRO B 548 -23.01 18.49 -2.84
CA PRO B 548 -23.44 19.89 -2.79
C PRO B 548 -24.82 20.12 -3.42
N MET B 549 -25.76 20.71 -2.69
CA MET B 549 -27.09 20.95 -3.24
C MET B 549 -27.47 22.43 -3.27
N PRO B 550 -28.25 22.84 -4.30
CA PRO B 550 -28.70 24.23 -4.45
C PRO B 550 -29.76 24.55 -3.39
N GLU B 551 -29.99 25.83 -3.13
CA GLU B 551 -30.99 26.24 -2.15
C GLU B 551 -32.34 25.75 -2.65
N TYR B 552 -32.88 24.74 -1.98
CA TYR B 552 -34.16 24.19 -2.38
C TYR B 552 -35.16 24.22 -1.23
N ASP B 553 -36.44 24.08 -1.56
CA ASP B 553 -37.50 24.07 -0.56
C ASP B 553 -37.62 22.65 0.00
N PRO B 554 -37.34 22.46 1.30
CA PRO B 554 -37.44 21.11 1.88
C PRO B 554 -38.85 20.52 1.79
N GLU B 555 -39.85 21.39 1.63
CA GLU B 555 -41.25 20.98 1.53
C GLU B 555 -41.54 20.47 0.12
N ASN B 556 -40.76 20.95 -0.84
CA ASN B 556 -40.93 20.58 -2.24
C ASN B 556 -39.61 20.44 -3.00
N PRO B 557 -38.81 19.40 -2.67
CA PRO B 557 -37.51 19.17 -3.32
C PRO B 557 -37.59 18.87 -4.81
N PRO B 558 -36.42 18.90 -5.48
CA PRO B 558 -36.32 18.63 -6.92
C PRO B 558 -36.18 17.12 -7.22
N MET B 559 -35.96 16.80 -8.49
CA MET B 559 -35.78 15.43 -8.92
C MET B 559 -34.29 15.19 -8.96
N LEU B 560 -33.91 13.92 -8.85
CA LEU B 560 -32.50 13.57 -8.85
C LEU B 560 -32.18 12.73 -10.07
N GLY B 561 -30.98 12.94 -10.61
CA GLY B 561 -30.57 12.20 -11.79
C GLY B 561 -29.26 11.45 -11.57
N PHE B 562 -29.25 10.17 -11.97
CA PHE B 562 -28.06 9.33 -11.84
C PHE B 562 -27.63 9.08 -13.28
N PHE B 563 -26.45 9.55 -13.66
CA PHE B 563 -25.97 9.37 -15.03
C PHE B 563 -24.87 8.30 -15.21
N MET B 564 -24.54 7.99 -16.47
CA MET B 564 -23.49 7.02 -16.76
C MET B 564 -23.90 5.65 -16.25
N VAL B 565 -25.17 5.51 -15.92
CA VAL B 565 -25.66 4.25 -15.40
C VAL B 565 -26.24 3.37 -16.53
N GLY B 566 -25.44 3.15 -17.57
CA GLY B 566 -25.91 2.36 -18.70
C GLY B 566 -25.38 0.95 -18.87
N ALA B 567 -24.12 0.71 -18.55
CA ALA B 567 -23.54 -0.62 -18.70
C ALA B 567 -23.45 -1.39 -17.39
N TYR B 568 -23.66 -2.69 -17.46
CA TYR B 568 -23.61 -3.56 -16.28
C TYR B 568 -24.61 -3.17 -15.19
N GLN B 569 -25.64 -2.40 -15.55
CA GLN B 569 -26.62 -1.98 -14.56
C GLN B 569 -28.02 -2.54 -14.72
N GLU B 570 -28.78 -2.01 -15.67
CA GLU B 570 -30.16 -2.45 -15.88
C GLU B 570 -30.52 -3.86 -15.47
N ILE B 571 -30.04 -4.83 -16.23
CA ILE B 571 -30.38 -6.22 -15.92
C ILE B 571 -29.32 -6.92 -15.05
N LEU B 572 -29.04 -6.39 -13.88
CA LEU B 572 -28.04 -7.00 -13.01
C LEU B 572 -28.23 -6.60 -11.55
N GLY B 573 -29.40 -6.05 -11.25
CA GLY B 573 -29.68 -5.65 -9.88
C GLY B 573 -30.40 -6.81 -9.21
N ASN B 574 -30.40 -6.81 -7.88
CA ASN B 574 -31.08 -7.86 -7.13
C ASN B 574 -32.17 -7.24 -6.29
N MET B 575 -33.30 -7.94 -6.15
CA MET B 575 -34.44 -7.44 -5.40
C MET B 575 -34.17 -7.45 -3.89
N HIS B 576 -33.44 -6.45 -3.36
CA HIS B 576 -33.12 -6.44 -1.94
C HIS B 576 -34.35 -6.58 -1.06
N ASN B 577 -35.04 -5.50 -0.73
CA ASN B 577 -36.21 -5.70 0.10
C ASN B 577 -37.43 -5.99 -0.75
N LEU B 578 -37.25 -6.84 -1.74
CA LEU B 578 -38.32 -7.19 -2.66
C LEU B 578 -38.71 -6.02 -3.52
N PHE B 579 -37.74 -5.18 -3.86
CA PHE B 579 -37.95 -4.03 -4.73
C PHE B 579 -37.59 -4.49 -6.14
N GLY B 580 -38.58 -4.49 -7.03
CA GLY B 580 -38.38 -4.94 -8.38
C GLY B 580 -37.82 -3.93 -9.35
N ASP B 581 -37.77 -4.33 -10.62
CA ASP B 581 -37.25 -3.48 -11.67
C ASP B 581 -37.96 -2.16 -11.76
N THR B 582 -37.18 -1.10 -11.93
CA THR B 582 -37.75 0.23 -12.07
C THR B 582 -38.32 0.28 -13.47
N GLU B 583 -39.18 1.26 -13.70
CA GLU B 583 -39.78 1.42 -15.02
C GLU B 583 -38.77 2.10 -15.93
N ALA B 584 -38.83 1.80 -17.21
CA ALA B 584 -37.92 2.41 -18.16
C ALA B 584 -38.70 2.99 -19.34
N VAL B 585 -38.19 4.07 -19.91
CA VAL B 585 -38.81 4.71 -21.05
C VAL B 585 -37.73 5.15 -22.02
N ASP B 586 -38.06 5.11 -23.31
CA ASP B 586 -37.14 5.53 -24.35
C ASP B 586 -37.55 6.91 -24.81
N VAL B 587 -36.63 7.86 -24.70
CA VAL B 587 -36.93 9.23 -25.10
C VAL B 587 -36.22 9.55 -26.40
N PHE B 588 -36.94 10.22 -27.29
CA PHE B 588 -36.37 10.62 -28.58
C PHE B 588 -36.49 12.11 -28.76
N VAL B 589 -35.54 12.68 -29.48
CA VAL B 589 -35.56 14.12 -29.73
C VAL B 589 -35.22 14.31 -31.21
N PHE B 590 -36.11 14.93 -31.97
CA PHE B 590 -35.83 15.13 -33.39
C PHE B 590 -35.42 16.55 -33.68
N PRO B 591 -34.77 16.76 -34.84
CA PRO B 591 -34.32 18.11 -35.25
C PRO B 591 -35.56 18.97 -35.47
N ASP B 592 -36.67 18.25 -35.61
CA ASP B 592 -37.99 18.82 -35.79
C ASP B 592 -38.35 19.71 -34.61
N GLY B 593 -38.04 19.23 -33.40
CA GLY B 593 -38.35 19.98 -32.20
C GLY B 593 -39.25 19.13 -31.34
N SER B 594 -39.87 18.12 -31.97
CA SER B 594 -40.77 17.21 -31.28
C SER B 594 -40.00 16.20 -30.41
N VAL B 595 -40.68 15.67 -29.39
CA VAL B 595 -40.07 14.72 -28.46
C VAL B 595 -40.97 13.49 -28.27
N GLU B 596 -40.47 12.31 -28.63
CA GLU B 596 -41.24 11.09 -28.47
C GLU B 596 -40.71 10.38 -27.25
N VAL B 597 -41.64 9.87 -26.45
CA VAL B 597 -41.29 9.18 -25.21
C VAL B 597 -42.15 7.92 -25.08
N GLU B 598 -41.73 6.82 -25.70
CA GLU B 598 -42.50 5.59 -25.61
C GLU B 598 -42.02 4.69 -24.47
N LEU B 599 -42.92 3.86 -23.96
CA LEU B 599 -42.62 2.95 -22.85
C LEU B 599 -41.60 1.91 -23.28
N SER B 600 -40.69 1.57 -22.38
CA SER B 600 -39.65 0.59 -22.71
C SER B 600 -39.71 -0.62 -21.81
N ASP B 601 -40.03 -0.38 -20.53
CA ASP B 601 -40.13 -1.47 -19.55
C ASP B 601 -41.29 -1.28 -18.58
N GLU B 602 -41.97 -2.40 -18.31
CA GLU B 602 -43.13 -2.45 -17.44
C GLU B 602 -42.87 -2.08 -15.97
N GLY B 603 -41.88 -2.71 -15.36
CA GLY B 603 -41.62 -2.39 -13.97
C GLY B 603 -42.43 -3.30 -13.06
N ASP B 604 -41.72 -4.17 -12.35
CA ASP B 604 -42.31 -5.11 -11.42
C ASP B 604 -43.26 -4.50 -10.42
N THR B 605 -44.21 -5.31 -9.99
CA THR B 605 -45.19 -4.92 -8.98
C THR B 605 -45.06 -5.89 -7.80
N VAL B 606 -45.59 -5.49 -6.65
CA VAL B 606 -45.56 -6.32 -5.45
C VAL B 606 -45.93 -7.75 -5.80
N ALA B 607 -46.94 -7.89 -6.66
CA ALA B 607 -47.41 -9.19 -7.07
C ALA B 607 -46.33 -10.02 -7.74
N ASP B 608 -45.58 -9.38 -8.63
CA ASP B 608 -44.49 -10.04 -9.36
C ASP B 608 -43.44 -10.58 -8.39
N MET B 609 -43.10 -9.76 -7.42
CA MET B 609 -42.12 -10.13 -6.42
C MET B 609 -42.61 -11.33 -5.60
N LEU B 610 -43.87 -11.32 -5.15
CA LEU B 610 -44.40 -12.42 -4.35
C LEU B 610 -44.39 -13.77 -5.10
N GLN B 611 -44.42 -13.69 -6.43
CA GLN B 611 -44.40 -14.85 -7.30
C GLN B 611 -43.03 -15.53 -7.20
N TYR B 612 -42.00 -14.71 -7.14
CA TYR B 612 -40.63 -15.18 -7.05
C TYR B 612 -40.38 -15.99 -5.79
N VAL B 613 -40.91 -15.51 -4.66
CA VAL B 613 -40.73 -16.23 -3.40
C VAL B 613 -41.83 -17.25 -3.22
N GLN B 614 -42.44 -17.62 -4.34
CA GLN B 614 -43.50 -18.61 -4.43
C GLN B 614 -44.68 -18.35 -3.53
N LEU B 615 -45.55 -17.44 -3.94
CA LEU B 615 -46.70 -17.15 -3.12
C LEU B 615 -47.99 -17.11 -3.90
N ASP B 616 -47.92 -16.70 -5.17
CA ASP B 616 -49.11 -16.61 -6.03
C ASP B 616 -50.09 -15.60 -5.44
N PRO B 617 -50.22 -14.43 -6.08
CA PRO B 617 -51.13 -13.38 -5.61
C PRO B 617 -52.61 -13.75 -5.60
N LYS B 618 -53.07 -14.42 -6.66
CA LYS B 618 -54.46 -14.83 -6.79
C LYS B 618 -54.98 -15.54 -5.53
N THR B 619 -54.29 -16.62 -5.14
CA THR B 619 -54.68 -17.39 -3.94
C THR B 619 -54.47 -16.57 -2.64
N LEU B 620 -53.71 -15.49 -2.72
CA LEU B 620 -53.45 -14.65 -1.56
C LEU B 620 -54.58 -13.63 -1.41
N LEU B 621 -55.16 -13.25 -2.53
CA LEU B 621 -56.26 -12.29 -2.57
C LEU B 621 -57.46 -12.88 -1.83
N THR B 622 -57.84 -14.09 -2.25
CA THR B 622 -58.96 -14.78 -1.63
C THR B 622 -58.73 -15.03 -0.14
N GLN B 623 -57.50 -15.32 0.28
CA GLN B 623 -57.26 -15.54 1.70
C GLN B 623 -57.52 -14.29 2.54
N PHE B 624 -57.50 -13.14 1.88
CA PHE B 624 -57.74 -11.86 2.54
C PHE B 624 -59.25 -11.62 2.50
N ARG B 625 -59.85 -11.99 1.37
CA ARG B 625 -61.29 -11.87 1.18
C ARG B 625 -62.02 -12.54 2.35
N ASP B 626 -61.45 -13.62 2.88
CA ASP B 626 -62.05 -14.35 4.00
C ASP B 626 -61.81 -13.69 5.37
N GLN B 627 -60.56 -13.36 5.66
CA GLN B 627 -60.23 -12.72 6.92
C GLN B 627 -61.01 -11.41 7.09
N VAL B 628 -61.29 -10.74 5.99
CA VAL B 628 -62.02 -9.48 6.07
C VAL B 628 -63.53 -9.67 6.29
N LYS B 629 -64.03 -10.88 6.05
CA LYS B 629 -65.45 -11.15 6.25
C LYS B 629 -65.72 -11.37 7.73
N LYS B 630 -64.68 -11.85 8.43
CA LYS B 630 -64.75 -12.12 9.86
C LYS B 630 -64.26 -10.88 10.63
N THR B 631 -64.33 -9.72 9.99
CA THR B 631 -63.89 -8.47 10.60
C THR B 631 -64.94 -7.93 11.57
N ASP B 632 -66.18 -8.39 11.41
CA ASP B 632 -67.24 -7.95 12.30
C ASP B 632 -67.52 -6.47 12.08
N LEU B 633 -66.95 -5.90 11.02
CA LEU B 633 -67.15 -4.49 10.73
C LEU B 633 -68.06 -4.31 9.52
N ASP B 634 -68.62 -3.11 9.40
CA ASP B 634 -69.54 -2.77 8.30
C ASP B 634 -69.06 -3.23 6.93
N ALA B 635 -69.96 -3.20 5.95
CA ALA B 635 -69.63 -3.60 4.59
C ALA B 635 -68.97 -2.45 3.83
N GLU B 636 -69.20 -1.22 4.33
CA GLU B 636 -68.65 0.01 3.74
C GLU B 636 -67.12 -0.02 3.79
N LEU B 637 -66.60 -0.23 5.00
CA LEU B 637 -65.17 -0.28 5.23
C LEU B 637 -64.60 -1.64 4.80
N GLN B 638 -65.32 -2.73 5.11
CA GLN B 638 -64.85 -4.06 4.74
C GLN B 638 -64.49 -4.21 3.27
N GLN B 639 -65.16 -3.48 2.39
CA GLN B 639 -64.86 -3.59 0.96
C GLN B 639 -63.76 -2.62 0.54
N GLN B 640 -63.74 -1.41 1.11
CA GLN B 640 -62.70 -0.46 0.74
C GLN B 640 -61.35 -0.96 1.22
N PHE B 641 -61.31 -2.17 1.77
CA PHE B 641 -60.07 -2.77 2.26
C PHE B 641 -59.47 -3.71 1.22
N LEU B 642 -60.33 -4.47 0.53
CA LEU B 642 -59.81 -5.33 -0.52
C LEU B 642 -59.40 -4.44 -1.68
N GLU B 643 -59.85 -3.19 -1.63
CA GLU B 643 -59.52 -2.21 -2.67
C GLU B 643 -58.08 -1.80 -2.37
N GLU B 644 -57.86 -1.33 -1.14
CA GLU B 644 -56.55 -0.89 -0.66
C GLU B 644 -55.55 -2.02 -0.80
N PHE B 645 -55.96 -3.21 -0.38
CA PHE B 645 -55.10 -4.37 -0.44
C PHE B 645 -54.71 -4.71 -1.87
N GLU B 646 -55.72 -5.00 -2.69
CA GLU B 646 -55.49 -5.37 -4.08
C GLU B 646 -54.73 -4.29 -4.83
N ALA B 647 -54.99 -3.04 -4.48
CA ALA B 647 -54.33 -1.91 -5.12
C ALA B 647 -52.82 -2.06 -4.93
N GLY B 648 -52.39 -2.13 -3.68
CA GLY B 648 -50.98 -2.26 -3.37
C GLY B 648 -50.39 -3.61 -3.75
N LEU B 649 -51.25 -4.60 -3.92
CA LEU B 649 -50.82 -5.92 -4.31
C LEU B 649 -50.37 -5.95 -5.76
N TYR B 650 -51.15 -5.32 -6.64
CA TYR B 650 -50.80 -5.27 -8.05
C TYR B 650 -50.24 -3.91 -8.45
N GLY B 651 -49.96 -3.07 -7.46
CA GLY B 651 -49.40 -1.75 -7.72
C GLY B 651 -47.89 -1.80 -7.84
N TYR B 652 -47.26 -0.65 -8.04
CA TYR B 652 -45.81 -0.56 -8.16
C TYR B 652 -45.17 -1.02 -6.86
N THR B 653 -43.87 -1.29 -6.88
CA THR B 653 -43.16 -1.77 -5.70
C THR B 653 -42.47 -0.66 -4.89
N TYR B 654 -42.31 0.52 -5.49
CA TYR B 654 -41.68 1.64 -4.81
C TYR B 654 -42.67 2.53 -4.05
N LEU B 655 -42.16 3.48 -3.27
CA LEU B 655 -43.03 4.33 -2.45
C LEU B 655 -43.64 5.53 -3.17
N GLU B 656 -44.71 6.08 -2.57
CA GLU B 656 -45.42 7.24 -3.11
C GLU B 656 -44.95 8.47 -2.35
N ASP B 657 -44.58 9.53 -3.07
CA ASP B 657 -44.09 10.79 -2.48
C ASP B 657 -45.01 11.35 -1.40
N GLU B 658 -44.62 11.16 -0.14
CA GLU B 658 -45.41 11.63 0.98
C GLU B 658 -45.11 13.11 1.27
N LEU B 659 -45.40 13.57 2.49
CA LEU B 659 -45.09 14.95 2.89
C LEU B 659 -44.51 15.00 4.31
N GLU B 660 -43.30 14.46 4.42
CA GLU B 660 -42.48 14.37 5.63
C GLU B 660 -41.33 15.35 5.45
N HIS B 661 -41.67 16.63 5.49
CA HIS B 661 -40.72 17.74 5.31
C HIS B 661 -40.98 18.89 6.32
#